data_4E6N
#
_entry.id   4E6N
#
_cell.length_a   59.630
_cell.length_b   59.695
_cell.length_c   101.540
_cell.angle_alpha   81.38
_cell.angle_beta   87.82
_cell.angle_gamma   88.82
#
_symmetry.space_group_name_H-M   'P 1'
#
loop_
_entity.id
_entity.type
_entity.pdbx_description
1 polymer Metallophosphoesterase
2 polymer 'Methyltransferase type 12'
3 non-polymer 'MAGNESIUM ION'
4 non-polymer 'ADENOSINE MONOPHOSPHATE'
5 water water
#
loop_
_entity_poly.entity_id
_entity_poly.type
_entity_poly.pdbx_seq_one_letter_code
_entity_poly.pdbx_strand_id
1 'polypeptide(L)'
;MILDINDVLGKKIITTRLMSSITIHEENSIAALEVMSRFAADPHWLIYLPPTMSPCETSKKEGMLEHPIEAFEYFRTRGV
GKVVCEQKHMGSRAVVIVCKDSQVAEKRFGVLDGTAGICYTRTGRHFFDDMQLEAELIDRVRKVLDKSGFWGDFNTDWVC
LDCELMPWSAKAQKLLEEQYSAVGISGRVVLDEAVKLLKQASLNKTVSFDVSRQTSGKNADINELLQRFTERSEMMQKYV
EAYRKYCWPVNSIDDLKLAPFHILATEGKVHSDKNHIWHMDTIAKYCTQDDSLIMATNHILVDVTDAESVDKGIKWWEDL
TASGGEGMVVKPYDFIVKNGRELLQPAVKCRGREYLRIIYGPEYTMDENIERLRNRAVGKKRSLALREFSLGMEALERFV
RNEPLYRVHECVFGVLALESEPVDPRL
;
A,C
2 'polypeptide(L)'
;MILTITYTQPPATDLGYLLHKNPSRPQTFELNHGKAHIFYPEATSERCTVALLLDIDPIDLARGKKGSSGEGGLFDYVND
RPYVSSSFMSVAISRVFGTAMSGKCKEKPELAAIKLPLKAKIMMLPCKGGEEIIYRLFEPLGYKVDVEGYMLDEKFPEWG
KSRYYTVSLEGEVRVRDLLNHIYVLIPVLDSEKHYWVGEDEIDKLFQHGEGWLVDHPEKELITGRYLIRK
;
B,D
#
loop_
_chem_comp.id
_chem_comp.type
_chem_comp.name
_chem_comp.formula
AMP non-polymer 'ADENOSINE MONOPHOSPHATE' 'C10 H14 N5 O7 P'
MG non-polymer 'MAGNESIUM ION' 'Mg 2'
#
# COMPACT_ATOMS: atom_id res chain seq x y z
N GLY A 10 -30.40 -36.57 -16.43
CA GLY A 10 -30.67 -36.40 -15.00
C GLY A 10 -29.48 -35.84 -14.22
N LYS A 11 -29.68 -35.52 -12.94
CA LYS A 11 -28.60 -34.98 -12.12
C LYS A 11 -27.64 -36.04 -11.56
N LYS A 12 -26.40 -35.62 -11.34
CA LYS A 12 -25.32 -36.53 -10.95
C LYS A 12 -24.61 -36.05 -9.70
N ILE A 13 -24.67 -36.82 -8.63
CA ILE A 13 -23.97 -36.47 -7.39
C ILE A 13 -22.70 -37.31 -7.19
N ILE A 14 -21.55 -36.65 -7.09
CA ILE A 14 -20.31 -37.37 -6.85
C ILE A 14 -19.79 -37.12 -5.43
N THR A 15 -19.17 -38.14 -4.85
CA THR A 15 -18.64 -38.07 -3.50
C THR A 15 -17.11 -38.14 -3.55
N THR A 16 -16.46 -37.14 -2.96
CA THR A 16 -15.02 -37.16 -2.88
C THR A 16 -14.54 -37.01 -1.44
N ARG A 17 -13.29 -37.40 -1.21
CA ARG A 17 -12.73 -37.37 0.13
C ARG A 17 -12.59 -35.93 0.64
N LEU A 18 -12.36 -34.99 -0.27
CA LEU A 18 -12.12 -33.61 0.15
C LEU A 18 -13.42 -32.81 0.23
N MET A 19 -14.43 -33.21 -0.55
CA MET A 19 -15.76 -32.59 -0.58
C MET A 19 -16.75 -33.73 -0.78
N SER A 20 -17.65 -33.93 0.17
CA SER A 20 -18.47 -35.14 0.13
C SER A 20 -19.64 -35.04 -0.84
N SER A 21 -19.96 -33.82 -1.26
CA SER A 21 -21.01 -33.63 -2.24
C SER A 21 -20.62 -32.64 -3.37
N ILE A 22 -20.56 -33.14 -4.59
CA ILE A 22 -20.37 -32.31 -5.78
C ILE A 22 -21.41 -32.66 -6.83
N THR A 23 -22.18 -31.67 -7.26
CA THR A 23 -23.25 -31.93 -8.22
C THR A 23 -22.79 -31.67 -9.64
N ILE A 24 -23.08 -32.62 -10.52
CA ILE A 24 -22.94 -32.42 -11.95
C ILE A 24 -24.34 -32.28 -12.58
N HIS A 25 -24.67 -31.08 -13.03
CA HIS A 25 -25.97 -30.80 -13.66
C HIS A 25 -26.11 -31.38 -15.08
N GLU A 26 -27.35 -31.50 -15.54
CA GLU A 26 -27.68 -32.11 -16.82
C GLU A 26 -26.96 -31.43 -18.01
N GLU A 27 -27.01 -30.10 -18.04
CA GLU A 27 -26.43 -29.33 -19.14
C GLU A 27 -24.95 -29.64 -19.27
N ASN A 28 -24.28 -29.65 -18.14
CA ASN A 28 -22.85 -29.86 -18.09
C ASN A 28 -22.48 -31.28 -18.50
N SER A 29 -23.27 -32.25 -18.06
CA SER A 29 -22.98 -33.66 -18.41
C SER A 29 -23.08 -33.91 -19.93
N ILE A 30 -24.03 -33.26 -20.58
CA ILE A 30 -24.20 -33.44 -22.02
C ILE A 30 -23.10 -32.73 -22.80
N ALA A 31 -22.66 -31.57 -22.32
CA ALA A 31 -21.59 -30.83 -22.99
C ALA A 31 -20.27 -31.60 -22.88
N ALA A 32 -20.09 -32.28 -21.76
CA ALA A 32 -18.89 -33.08 -21.55
C ALA A 32 -18.92 -34.35 -22.39
N LEU A 33 -20.11 -34.94 -22.53
CA LEU A 33 -20.28 -36.20 -23.24
C LEU A 33 -19.89 -36.02 -24.70
N GLU A 34 -20.20 -34.86 -25.23
CA GLU A 34 -19.86 -34.51 -26.60
C GLU A 34 -18.35 -34.66 -26.82
N VAL A 35 -17.57 -33.81 -26.15
CA VAL A 35 -16.12 -33.78 -26.36
C VAL A 35 -15.44 -35.08 -25.91
N MET A 36 -16.06 -35.78 -24.97
CA MET A 36 -15.48 -36.99 -24.40
C MET A 36 -15.60 -38.19 -25.34
N SER A 37 -16.67 -38.24 -26.12
CA SER A 37 -16.92 -39.38 -26.99
C SER A 37 -16.44 -39.17 -28.43
N ARG A 38 -16.26 -37.91 -28.81
CA ARG A 38 -15.88 -37.62 -30.18
C ARG A 38 -14.37 -37.48 -30.39
N PHE A 39 -13.66 -36.95 -29.41
CA PHE A 39 -12.25 -36.61 -29.63
C PHE A 39 -11.25 -37.13 -28.59
N ALA A 40 -11.74 -37.65 -27.48
CA ALA A 40 -10.87 -38.04 -26.39
C ALA A 40 -10.07 -39.31 -26.68
N ALA A 41 -8.93 -39.43 -26.02
CA ALA A 41 -8.13 -40.65 -26.03
C ALA A 41 -8.88 -41.81 -25.36
N ASP A 42 -8.29 -43.01 -25.44
CA ASP A 42 -8.76 -44.20 -24.73
C ASP A 42 -9.00 -43.88 -23.25
N PRO A 43 -10.24 -44.05 -22.79
CA PRO A 43 -10.55 -43.76 -21.39
C PRO A 43 -9.73 -44.59 -20.39
N HIS A 44 -9.07 -45.66 -20.84
CA HIS A 44 -8.20 -46.42 -19.94
C HIS A 44 -6.96 -45.63 -19.52
N TRP A 45 -6.55 -44.66 -20.33
CA TRP A 45 -5.45 -43.79 -19.95
C TRP A 45 -5.89 -42.61 -19.08
N LEU A 46 -7.19 -42.28 -19.13
CA LEU A 46 -7.66 -41.03 -18.50
C LEU A 46 -7.93 -41.17 -17.01
N ILE A 47 -6.86 -41.11 -16.21
CA ILE A 47 -6.97 -41.33 -14.79
C ILE A 47 -7.04 -40.01 -14.04
N TYR A 48 -7.00 -38.92 -14.79
CA TYR A 48 -6.94 -37.60 -14.19
C TYR A 48 -7.14 -36.53 -15.23
N LEU A 49 -7.84 -35.48 -14.85
CA LEU A 49 -7.87 -34.24 -15.60
C LEU A 49 -7.52 -33.11 -14.64
N PRO A 50 -6.67 -32.18 -15.09
CA PRO A 50 -6.22 -31.07 -14.25
C PRO A 50 -7.37 -30.09 -14.03
N PRO A 51 -7.35 -29.33 -12.93
CA PRO A 51 -8.44 -28.40 -12.66
C PRO A 51 -8.18 -27.02 -13.27
N THR A 52 -9.23 -26.21 -13.43
CA THR A 52 -9.05 -24.79 -13.72
C THR A 52 -8.46 -24.08 -12.47
N MET A 53 -7.96 -22.87 -12.64
CA MET A 53 -7.18 -22.20 -11.59
C MET A 53 -7.66 -20.76 -11.39
N SER A 54 -7.69 -20.29 -10.15
CA SER A 54 -8.19 -18.94 -9.90
C SER A 54 -7.07 -17.90 -9.79
N PRO A 55 -7.37 -16.65 -10.18
CA PRO A 55 -6.43 -15.56 -9.90
C PRO A 55 -6.71 -14.95 -8.53
N CYS A 56 -5.89 -13.98 -8.17
CA CYS A 56 -5.98 -13.31 -6.89
C CYS A 56 -6.98 -12.18 -6.93
N GLU A 57 -7.17 -11.50 -5.79
CA GLU A 57 -7.90 -10.24 -5.76
C GLU A 57 -7.13 -9.25 -6.61
N THR A 58 -7.81 -8.24 -7.15
CA THR A 58 -7.11 -7.22 -7.92
C THR A 58 -6.22 -6.38 -7.01
N SER A 59 -5.14 -5.86 -7.58
CA SER A 59 -4.20 -5.01 -6.85
C SER A 59 -4.74 -3.59 -6.69
N LYS A 60 -4.16 -2.85 -5.75
CA LYS A 60 -4.46 -1.42 -5.65
C LYS A 60 -3.34 -0.63 -6.29
N LYS A 61 -2.11 -1.12 -6.12
CA LYS A 61 -0.88 -0.49 -6.61
C LYS A 61 -1.07 0.11 -8.01
N GLU A 62 -0.59 1.34 -8.16
CA GLU A 62 -0.83 2.16 -9.36
C GLU A 62 -0.61 1.43 -10.68
N GLY A 63 -1.65 1.40 -11.52
CA GLY A 63 -1.55 0.83 -12.86
C GLY A 63 -1.27 -0.66 -12.90
N MET A 64 -1.63 -1.35 -11.82
CA MET A 64 -1.45 -2.81 -11.75
C MET A 64 -2.79 -3.47 -11.51
N LEU A 65 -3.05 -4.56 -12.23
CA LEU A 65 -4.24 -5.35 -12.00
C LEU A 65 -3.95 -6.54 -11.06
N GLU A 66 -2.89 -7.29 -11.35
CA GLU A 66 -2.49 -8.40 -10.48
C GLU A 66 -1.10 -8.13 -9.92
N HIS A 67 -0.87 -8.54 -8.67
CA HIS A 67 0.38 -8.30 -7.96
C HIS A 67 0.55 -9.36 -6.83
N PRO A 68 1.80 -9.81 -6.57
CA PRO A 68 2.09 -10.88 -5.60
C PRO A 68 1.46 -10.69 -4.21
N ILE A 69 1.44 -9.46 -3.72
CA ILE A 69 0.93 -9.14 -2.38
C ILE A 69 -0.43 -9.76 -2.07
N GLU A 70 -1.39 -9.66 -3.01
CA GLU A 70 -2.73 -10.19 -2.79
C GLU A 70 -2.78 -11.72 -2.71
N ALA A 71 -1.97 -12.38 -3.52
CA ALA A 71 -1.86 -13.84 -3.45
C ALA A 71 -1.19 -14.29 -2.16
N PHE A 72 -0.15 -13.56 -1.75
CA PHE A 72 0.50 -13.83 -0.46
C PHE A 72 -0.51 -13.67 0.67
N GLU A 73 -1.30 -12.62 0.58
CA GLU A 73 -2.28 -12.35 1.62
C GLU A 73 -3.42 -13.38 1.64
N TYR A 74 -3.75 -13.94 0.48
CA TYR A 74 -4.79 -14.96 0.45
C TYR A 74 -4.45 -16.09 1.42
N PHE A 75 -3.19 -16.55 1.38
CA PHE A 75 -2.75 -17.67 2.21
C PHE A 75 -2.47 -17.27 3.66
N ARG A 76 -1.76 -16.17 3.86
CA ARG A 76 -1.46 -15.71 5.21
C ARG A 76 -2.69 -15.54 6.10
N THR A 77 -3.74 -14.90 5.57
CA THR A 77 -4.98 -14.70 6.32
C THR A 77 -5.78 -15.99 6.50
N ARG A 78 -5.34 -17.08 5.89
CA ARG A 78 -6.06 -18.34 6.05
C ARG A 78 -5.18 -19.36 6.74
N GLY A 79 -4.11 -18.88 7.37
CA GLY A 79 -3.29 -19.71 8.24
C GLY A 79 -2.14 -20.45 7.60
N VAL A 80 -1.84 -20.16 6.34
CA VAL A 80 -0.75 -20.85 5.67
C VAL A 80 0.47 -19.94 5.70
N GLY A 81 1.52 -20.38 6.39
CA GLY A 81 2.70 -19.55 6.62
C GLY A 81 3.68 -19.48 5.46
N LYS A 82 3.73 -20.54 4.66
CA LYS A 82 4.69 -20.62 3.56
C LYS A 82 4.03 -20.99 2.24
N VAL A 83 4.43 -20.30 1.18
CA VAL A 83 4.01 -20.63 -0.17
C VAL A 83 5.19 -20.92 -1.10
N VAL A 84 4.95 -21.72 -2.12
CA VAL A 84 5.95 -21.92 -3.17
C VAL A 84 5.50 -21.20 -4.41
N CYS A 85 6.34 -20.28 -4.87
CA CYS A 85 6.07 -19.59 -6.13
C CYS A 85 6.81 -20.28 -7.25
N GLU A 86 6.08 -20.67 -8.30
CA GLU A 86 6.67 -21.29 -9.48
C GLU A 86 6.37 -20.47 -10.73
N GLN A 87 7.36 -20.38 -11.62
CA GLN A 87 7.13 -19.71 -12.89
C GLN A 87 5.92 -20.32 -13.56
N LYS A 88 5.01 -19.47 -14.04
CA LYS A 88 3.87 -19.92 -14.81
C LYS A 88 4.31 -20.06 -16.27
N HIS A 89 4.61 -21.28 -16.70
CA HIS A 89 5.04 -21.50 -18.08
C HIS A 89 3.87 -21.26 -19.00
N MET A 90 4.13 -20.59 -20.11
CA MET A 90 3.06 -20.23 -21.03
C MET A 90 3.01 -21.25 -22.17
N GLY A 91 2.28 -22.34 -21.95
CA GLY A 91 2.13 -23.37 -22.98
C GLY A 91 0.74 -23.98 -23.02
N SER A 92 0.69 -25.30 -22.97
CA SER A 92 -0.57 -26.00 -22.84
C SER A 92 -0.37 -27.11 -21.80
N ARG A 93 -1.29 -27.20 -20.83
CA ARG A 93 -1.23 -28.25 -19.82
C ARG A 93 -1.20 -29.63 -20.49
N ALA A 94 -0.29 -30.47 -20.05
CA ALA A 94 -0.15 -31.81 -20.62
C ALA A 94 0.01 -32.87 -19.53
N VAL A 95 -0.87 -33.86 -19.55
CA VAL A 95 -0.76 -34.94 -18.60
C VAL A 95 0.05 -36.04 -19.26
N VAL A 96 1.18 -36.39 -18.65
CA VAL A 96 2.12 -37.35 -19.23
C VAL A 96 2.24 -38.64 -18.41
N ILE A 97 1.75 -39.72 -18.98
CA ILE A 97 1.83 -41.03 -18.34
C ILE A 97 2.86 -41.93 -19.04
N VAL A 98 3.85 -42.42 -18.29
CA VAL A 98 4.87 -43.30 -18.85
C VAL A 98 4.87 -44.66 -18.18
N CYS A 99 4.72 -45.72 -18.97
CA CYS A 99 4.95 -47.09 -18.47
C CYS A 99 6.30 -47.59 -18.96
N LYS A 100 6.89 -48.54 -18.25
CA LYS A 100 8.18 -49.11 -18.64
C LYS A 100 8.09 -49.82 -19.99
N ASP A 101 6.94 -50.40 -20.29
CA ASP A 101 6.74 -51.07 -21.57
C ASP A 101 5.28 -51.30 -21.83
N SER A 102 4.97 -51.88 -22.98
CA SER A 102 3.59 -52.08 -23.41
C SER A 102 2.85 -53.13 -22.60
N GLN A 103 3.58 -54.03 -21.96
CA GLN A 103 2.96 -55.07 -21.11
C GLN A 103 2.46 -54.48 -19.79
N VAL A 104 3.24 -53.56 -19.23
CA VAL A 104 2.80 -52.77 -18.08
C VAL A 104 1.51 -51.95 -18.36
N ALA A 105 1.46 -51.26 -19.49
CA ALA A 105 0.25 -50.53 -19.85
C ALA A 105 -0.97 -51.44 -19.98
N GLU A 106 -0.79 -52.62 -20.56
CA GLU A 106 -1.92 -53.54 -20.74
C GLU A 106 -2.40 -54.08 -19.41
N LYS A 107 -1.46 -54.47 -18.57
CA LYS A 107 -1.78 -55.10 -17.30
C LYS A 107 -2.38 -54.10 -16.32
N ARG A 108 -1.62 -53.05 -16.02
CA ARG A 108 -2.04 -52.02 -15.07
C ARG A 108 -3.22 -51.16 -15.55
N PHE A 109 -3.22 -50.77 -16.83
CA PHE A 109 -4.23 -49.82 -17.33
C PHE A 109 -5.36 -50.45 -18.12
N GLY A 110 -5.13 -51.62 -18.70
CA GLY A 110 -6.14 -52.24 -19.54
C GLY A 110 -6.08 -51.74 -20.98
N VAL A 111 -5.04 -50.97 -21.30
CA VAL A 111 -4.88 -50.43 -22.66
C VAL A 111 -4.49 -51.52 -23.66
N LEU A 112 -5.22 -51.58 -24.78
CA LEU A 112 -5.07 -52.67 -25.74
C LEU A 112 -4.39 -52.34 -27.07
N ASP A 113 -4.12 -51.07 -27.33
CA ASP A 113 -3.58 -50.65 -28.63
C ASP A 113 -2.05 -50.75 -28.74
N GLY A 114 -1.42 -51.32 -27.73
CA GLY A 114 0.02 -51.57 -27.77
C GLY A 114 0.91 -50.40 -27.39
N THR A 115 0.33 -49.29 -26.94
CA THR A 115 1.15 -48.14 -26.54
C THR A 115 1.68 -48.28 -25.13
N ALA A 116 2.75 -47.54 -24.80
CA ALA A 116 3.37 -47.67 -23.47
C ALA A 116 3.36 -46.33 -22.77
N GLY A 117 2.51 -45.43 -23.25
CA GLY A 117 2.41 -44.11 -22.67
C GLY A 117 1.48 -43.22 -23.45
N ILE A 118 1.23 -42.04 -22.87
CA ILE A 118 0.34 -41.05 -23.46
C ILE A 118 0.65 -39.63 -22.95
N CYS A 119 0.46 -38.66 -23.82
CA CYS A 119 0.50 -37.25 -23.45
C CYS A 119 -0.86 -36.68 -23.87
N TYR A 120 -1.67 -36.28 -22.90
CA TYR A 120 -2.97 -35.69 -23.24
C TYR A 120 -3.20 -34.30 -22.64
N THR A 121 -4.25 -33.63 -23.14
CA THR A 121 -4.59 -32.25 -22.80
C THR A 121 -5.62 -32.17 -21.68
N ARG A 122 -5.94 -30.94 -21.27
CA ARG A 122 -6.91 -30.70 -20.20
C ARG A 122 -8.33 -31.16 -20.58
N THR A 123 -8.59 -31.35 -21.86
CA THR A 123 -9.89 -31.90 -22.27
C THR A 123 -9.83 -33.42 -22.46
N GLY A 124 -8.66 -34.01 -22.26
CA GLY A 124 -8.49 -35.45 -22.46
C GLY A 124 -8.25 -35.92 -23.89
N ARG A 125 -7.75 -35.06 -24.76
CA ARG A 125 -7.39 -35.47 -26.11
C ARG A 125 -5.89 -35.69 -26.21
N HIS A 126 -5.47 -36.56 -27.11
CA HIS A 126 -4.05 -36.66 -27.45
C HIS A 126 -3.55 -35.26 -27.78
N PHE A 127 -2.40 -34.92 -27.21
CA PHE A 127 -1.82 -33.62 -27.45
C PHE A 127 -1.37 -33.52 -28.91
N PHE A 128 -0.74 -34.57 -29.41
CA PHE A 128 -0.22 -34.64 -30.77
C PHE A 128 -1.17 -35.36 -31.71
N ASP A 129 -1.39 -34.79 -32.89
CA ASP A 129 -2.16 -35.48 -33.94
C ASP A 129 -1.40 -36.70 -34.47
N ASP A 130 -0.08 -36.68 -34.34
CA ASP A 130 0.79 -37.76 -34.80
C ASP A 130 1.28 -38.62 -33.63
N MET A 131 0.75 -39.84 -33.53
CA MET A 131 1.18 -40.82 -32.54
C MET A 131 2.70 -41.04 -32.43
N GLN A 132 3.39 -41.07 -33.56
CA GLN A 132 4.83 -41.30 -33.54
C GLN A 132 5.53 -40.20 -32.76
N LEU A 133 5.06 -38.96 -32.93
CA LEU A 133 5.64 -37.84 -32.21
C LEU A 133 5.36 -37.97 -30.71
N GLU A 134 4.15 -38.43 -30.37
CA GLU A 134 3.84 -38.72 -28.98
C GLU A 134 4.77 -39.80 -28.44
N ALA A 135 4.91 -40.90 -29.20
CA ALA A 135 5.70 -42.04 -28.74
C ALA A 135 7.14 -41.62 -28.56
N GLU A 136 7.60 -40.76 -29.46
CA GLU A 136 8.93 -40.22 -29.39
C GLU A 136 9.12 -39.43 -28.08
N LEU A 137 8.15 -38.57 -27.77
CA LEU A 137 8.23 -37.78 -26.53
C LEU A 137 8.20 -38.68 -25.30
N ILE A 138 7.31 -39.66 -25.30
CA ILE A 138 7.22 -40.59 -24.18
C ILE A 138 8.54 -41.33 -23.98
N ASP A 139 9.20 -41.68 -25.07
CA ASP A 139 10.47 -42.40 -25.00
C ASP A 139 11.60 -41.56 -24.42
N ARG A 140 11.65 -40.28 -24.77
CA ARG A 140 12.65 -39.41 -24.16
C ARG A 140 12.49 -39.32 -22.64
N VAL A 141 11.24 -39.27 -22.18
CA VAL A 141 10.98 -39.27 -20.75
C VAL A 141 11.34 -40.62 -20.12
N ARG A 142 11.03 -41.71 -20.83
CA ARG A 142 11.38 -43.02 -20.31
C ARG A 142 12.88 -43.17 -20.03
N LYS A 143 13.71 -42.69 -20.95
CA LYS A 143 15.18 -42.77 -20.81
C LYS A 143 15.75 -41.96 -19.64
N VAL A 144 15.23 -40.76 -19.44
CA VAL A 144 15.64 -39.94 -18.31
C VAL A 144 15.28 -40.62 -16.99
N LEU A 145 14.08 -41.19 -16.91
CA LEU A 145 13.70 -41.92 -15.72
C LEU A 145 14.60 -43.16 -15.56
N ASP A 146 14.84 -43.84 -16.67
CA ASP A 146 15.78 -44.96 -16.71
C ASP A 146 17.12 -44.60 -16.05
N LYS A 147 17.76 -43.54 -16.52
CA LYS A 147 19.09 -43.22 -16.00
C LYS A 147 19.13 -42.59 -14.60
N SER A 148 18.04 -42.00 -14.15
CA SER A 148 18.05 -41.38 -12.83
C SER A 148 17.78 -42.40 -11.73
N GLY A 149 17.34 -43.58 -12.12
CA GLY A 149 17.03 -44.64 -11.17
C GLY A 149 15.61 -44.56 -10.63
N PHE A 150 14.74 -43.84 -11.34
CA PHE A 150 13.41 -43.52 -10.83
C PHE A 150 12.54 -44.73 -10.52
N TRP A 151 12.46 -45.67 -11.44
CA TRP A 151 11.61 -46.86 -11.25
C TRP A 151 11.94 -47.62 -9.97
N GLY A 152 13.23 -47.84 -9.72
CA GLY A 152 13.67 -48.52 -8.51
C GLY A 152 13.36 -47.74 -7.24
N ASP A 153 13.71 -46.46 -7.23
CA ASP A 153 13.50 -45.61 -6.06
C ASP A 153 12.02 -45.42 -5.69
N PHE A 154 11.13 -45.59 -6.66
CA PHE A 154 9.71 -45.41 -6.38
C PHE A 154 8.94 -46.71 -6.46
N ASN A 155 9.68 -47.81 -6.64
CA ASN A 155 9.09 -49.13 -6.78
C ASN A 155 7.83 -49.12 -7.65
N THR A 156 7.98 -48.63 -8.87
CA THR A 156 6.84 -48.52 -9.76
C THR A 156 7.28 -48.77 -11.19
N ASP A 157 6.36 -49.30 -12.00
CA ASP A 157 6.64 -49.43 -13.42
C ASP A 157 5.81 -48.45 -14.25
N TRP A 158 5.26 -47.44 -13.58
CA TRP A 158 4.57 -46.35 -14.29
C TRP A 158 4.55 -45.05 -13.48
N VAL A 159 4.32 -43.94 -14.17
CA VAL A 159 4.27 -42.62 -13.54
C VAL A 159 3.36 -41.68 -14.30
N CYS A 160 2.66 -40.82 -13.57
CA CYS A 160 1.75 -39.85 -14.16
C CYS A 160 2.24 -38.47 -13.75
N LEU A 161 2.69 -37.69 -14.74
CA LEU A 161 3.20 -36.34 -14.49
C LEU A 161 2.22 -35.26 -14.97
N ASP A 162 2.21 -34.13 -14.25
CA ASP A 162 1.40 -32.98 -14.59
C ASP A 162 2.38 -31.96 -15.13
N CYS A 163 2.16 -31.49 -16.37
CA CYS A 163 3.15 -30.62 -17.03
C CYS A 163 2.58 -29.48 -17.84
N GLU A 164 3.50 -28.63 -18.29
CA GLU A 164 3.23 -27.67 -19.34
C GLU A 164 4.11 -27.98 -20.54
N LEU A 165 3.55 -27.92 -21.73
CA LEU A 165 4.29 -28.20 -22.97
C LEU A 165 4.38 -26.94 -23.85
N MET A 166 5.60 -26.48 -24.09
CA MET A 166 5.86 -25.27 -24.87
C MET A 166 6.39 -25.63 -26.26
N PRO A 167 6.21 -24.74 -27.25
CA PRO A 167 5.61 -23.41 -27.11
C PRO A 167 4.10 -23.41 -27.24
N TRP A 168 3.49 -22.36 -26.72
CA TRP A 168 2.05 -22.10 -26.85
C TRP A 168 1.58 -22.22 -28.31
N SER A 169 2.34 -21.63 -29.22
CA SER A 169 1.97 -21.62 -30.63
C SER A 169 1.85 -23.00 -31.24
N ALA A 170 2.43 -24.01 -30.59
CA ALA A 170 2.27 -25.38 -31.05
C ALA A 170 0.81 -25.85 -31.02
N LYS A 171 0.01 -25.30 -30.12
CA LYS A 171 -1.41 -25.70 -30.04
C LYS A 171 -2.38 -24.57 -30.39
N ALA A 172 -1.89 -23.34 -30.34
CA ALA A 172 -2.76 -22.16 -30.41
C ALA A 172 -2.71 -21.42 -31.74
N GLN A 173 -2.10 -22.02 -32.76
CA GLN A 173 -1.88 -21.33 -34.04
C GLN A 173 -3.15 -20.77 -34.69
N LYS A 174 -4.25 -21.50 -34.62
CA LYS A 174 -5.51 -21.02 -35.16
C LYS A 174 -5.99 -19.78 -34.39
N LEU A 175 -5.82 -19.78 -33.08
CA LEU A 175 -6.13 -18.59 -32.28
C LEU A 175 -5.21 -17.41 -32.63
N LEU A 176 -3.93 -17.68 -32.80
CA LEU A 176 -2.98 -16.64 -33.16
C LEU A 176 -3.31 -16.06 -34.53
N GLU A 177 -3.68 -16.91 -35.47
CA GLU A 177 -3.99 -16.45 -36.82
C GLU A 177 -5.28 -15.66 -36.86
N GLU A 178 -6.32 -16.19 -36.22
CA GLU A 178 -7.65 -15.62 -36.38
C GLU A 178 -7.98 -14.53 -35.38
N GLN A 179 -7.28 -14.49 -34.26
CA GLN A 179 -7.62 -13.52 -33.24
C GLN A 179 -6.44 -12.62 -32.87
N TYR A 180 -5.39 -13.21 -32.31
CA TYR A 180 -4.30 -12.40 -31.73
C TYR A 180 -3.49 -11.56 -32.74
N SER A 181 -3.06 -12.18 -33.85
CA SER A 181 -2.29 -11.44 -34.84
C SER A 181 -3.19 -10.55 -35.71
N ALA A 182 -4.49 -10.82 -35.69
CA ALA A 182 -5.44 -10.00 -36.43
C ALA A 182 -5.59 -8.65 -35.73
N VAL A 183 -5.72 -8.68 -34.41
CA VAL A 183 -5.75 -7.46 -33.61
C VAL A 183 -4.42 -6.71 -33.74
N GLY A 184 -3.32 -7.46 -33.77
CA GLY A 184 -1.99 -6.87 -33.85
C GLY A 184 -1.64 -6.16 -35.14
N ILE A 185 -2.02 -6.73 -36.29
CA ILE A 185 -1.73 -6.07 -37.57
C ILE A 185 -2.68 -4.87 -37.78
N SER A 186 -3.97 -5.07 -37.52
CA SER A 186 -4.94 -4.00 -37.68
C SER A 186 -4.66 -2.87 -36.70
N GLY A 187 -4.36 -3.23 -35.46
CA GLY A 187 -4.00 -2.26 -34.45
C GLY A 187 -2.74 -1.47 -34.74
N ARG A 188 -1.67 -2.13 -35.17
CA ARG A 188 -0.42 -1.41 -35.38
C ARG A 188 -0.51 -0.48 -36.58
N VAL A 189 -1.27 -0.90 -37.57
CA VAL A 189 -1.35 -0.13 -38.80
C VAL A 189 -2.18 1.15 -38.66
N VAL A 190 -3.36 1.06 -38.06
CA VAL A 190 -4.20 2.26 -37.99
C VAL A 190 -3.75 3.21 -36.89
N LEU A 191 -3.16 2.66 -35.84
CA LEU A 191 -2.70 3.50 -34.74
C LEU A 191 -1.47 4.32 -35.14
N ASP A 192 -0.59 3.74 -35.97
CA ASP A 192 0.57 4.47 -36.48
C ASP A 192 0.12 5.54 -37.47
N GLU A 193 -0.89 5.23 -38.27
CA GLU A 193 -1.39 6.19 -39.22
C GLU A 193 -2.11 7.32 -38.48
N ALA A 194 -2.79 6.99 -37.39
CA ALA A 194 -3.47 7.98 -36.57
C ALA A 194 -2.48 8.97 -35.98
N VAL A 195 -1.38 8.46 -35.45
CA VAL A 195 -0.36 9.31 -34.87
C VAL A 195 0.23 10.26 -35.91
N LYS A 196 0.49 9.73 -37.10
CA LYS A 196 1.06 10.50 -38.20
C LYS A 196 0.13 11.64 -38.67
N LEU A 197 -1.17 11.37 -38.78
CA LEU A 197 -2.12 12.39 -39.21
C LEU A 197 -2.29 13.50 -38.17
N LEU A 198 -2.31 13.11 -36.90
CA LEU A 198 -2.49 14.07 -35.81
C LEU A 198 -1.26 14.96 -35.70
N LYS A 199 -0.08 14.36 -35.87
CA LYS A 199 1.17 15.09 -35.85
C LYS A 199 1.20 16.15 -36.94
N GLN A 200 0.70 15.78 -38.11
CA GLN A 200 0.64 16.72 -39.24
C GLN A 200 -0.41 17.80 -38.94
N ALA A 201 -1.55 17.39 -38.39
CA ALA A 201 -2.54 18.37 -37.94
C ALA A 201 -1.98 19.28 -36.87
N SER A 202 -1.21 18.70 -35.95
CA SER A 202 -0.62 19.47 -34.85
C SER A 202 0.28 20.58 -35.35
N LEU A 203 1.04 20.29 -36.41
CA LEU A 203 2.02 21.21 -36.95
C LEU A 203 1.37 22.29 -37.83
N ASN A 204 0.22 21.97 -38.42
CA ASN A 204 -0.53 22.92 -39.27
C ASN A 204 -1.65 23.63 -38.54
N LYS A 205 -1.52 23.75 -37.22
CA LYS A 205 -2.57 24.32 -36.38
C LYS A 205 -2.52 25.85 -36.40
N GLY A 217 -21.81 18.58 -31.69
CA GLY A 217 -20.67 17.92 -31.07
C GLY A 217 -19.74 18.91 -30.39
N LYS A 218 -18.73 18.41 -29.68
CA LYS A 218 -17.85 19.26 -28.87
C LYS A 218 -16.42 19.47 -29.38
N ASN A 219 -15.78 20.50 -28.85
CA ASN A 219 -14.45 20.90 -29.31
C ASN A 219 -13.36 20.03 -28.71
N ALA A 220 -12.39 19.67 -29.55
CA ALA A 220 -11.33 18.79 -29.09
C ALA A 220 -10.02 19.51 -29.23
N ASP A 221 -9.04 19.11 -28.42
CA ASP A 221 -7.70 19.64 -28.56
C ASP A 221 -6.79 18.67 -29.32
N ILE A 222 -6.14 19.19 -30.35
CA ILE A 222 -5.33 18.39 -31.26
C ILE A 222 -4.13 17.76 -30.54
N ASN A 223 -3.52 18.46 -29.59
CA ASN A 223 -2.34 17.94 -28.95
C ASN A 223 -2.64 16.85 -27.93
N GLU A 224 -3.81 16.95 -27.30
CA GLU A 224 -4.25 15.94 -26.36
C GLU A 224 -4.55 14.66 -27.12
N LEU A 225 -5.22 14.81 -28.27
CA LEU A 225 -5.53 13.69 -29.14
C LEU A 225 -4.27 12.98 -29.57
N LEU A 226 -3.27 13.77 -29.95
CA LEU A 226 -2.01 13.20 -30.40
C LEU A 226 -1.35 12.42 -29.28
N GLN A 227 -1.44 12.94 -28.06
CA GLN A 227 -0.86 12.29 -26.88
C GLN A 227 -1.54 10.96 -26.57
N ARG A 228 -2.86 10.99 -26.58
CA ARG A 228 -3.68 9.81 -26.40
C ARG A 228 -3.34 8.70 -27.41
N PHE A 229 -3.35 9.04 -28.70
CA PHE A 229 -3.15 8.03 -29.73
C PHE A 229 -1.70 7.56 -29.76
N THR A 230 -0.79 8.42 -29.32
CA THR A 230 0.60 7.99 -29.18
C THR A 230 0.70 6.90 -28.11
N GLU A 231 -0.06 7.08 -27.04
CA GLU A 231 -0.12 6.09 -25.98
C GLU A 231 -0.83 4.80 -26.43
N ARG A 232 -1.96 4.92 -27.14
CA ARG A 232 -2.63 3.73 -27.66
C ARG A 232 -1.68 2.94 -28.56
N SER A 233 -0.91 3.67 -29.35
CA SER A 233 0.07 3.05 -30.26
C SER A 233 1.20 2.27 -29.55
N GLU A 234 1.71 2.86 -28.46
CA GLU A 234 2.80 2.24 -27.70
C GLU A 234 2.31 0.99 -26.98
N MET A 235 1.06 1.02 -26.51
CA MET A 235 0.47 -0.17 -25.90
C MET A 235 0.22 -1.30 -26.90
N MET A 236 -0.20 -0.93 -28.10
CA MET A 236 -0.48 -1.90 -29.14
C MET A 236 0.81 -2.59 -29.52
N GLN A 237 1.89 -1.83 -29.56
CA GLN A 237 3.19 -2.38 -29.91
C GLN A 237 3.67 -3.39 -28.86
N LYS A 238 3.47 -3.05 -27.58
CA LYS A 238 3.83 -3.93 -26.47
C LYS A 238 2.93 -5.17 -26.41
N TYR A 239 1.65 -5.03 -26.76
CA TYR A 239 0.76 -6.18 -26.87
C TYR A 239 1.29 -7.19 -27.90
N VAL A 240 1.76 -6.67 -29.03
CA VAL A 240 2.31 -7.53 -30.09
C VAL A 240 3.60 -8.21 -29.65
N GLU A 241 4.46 -7.47 -28.97
CA GLU A 241 5.67 -8.09 -28.43
C GLU A 241 5.34 -9.18 -27.42
N ALA A 242 4.29 -8.95 -26.63
CA ALA A 242 3.90 -9.91 -25.60
C ALA A 242 3.45 -11.25 -26.17
N TYR A 243 2.56 -11.26 -27.17
CA TYR A 243 2.14 -12.55 -27.70
C TYR A 243 3.27 -13.27 -28.46
N ARG A 244 4.17 -12.51 -29.07
CA ARG A 244 5.23 -13.14 -29.87
C ARG A 244 6.16 -13.96 -29.01
N LYS A 245 6.40 -13.49 -27.78
CA LYS A 245 7.31 -14.16 -26.87
C LYS A 245 7.03 -15.64 -26.66
N TYR A 246 5.79 -16.06 -26.89
CA TYR A 246 5.39 -17.42 -26.60
C TYR A 246 5.16 -18.23 -27.87
N CYS A 247 5.66 -17.70 -28.98
CA CYS A 247 5.55 -18.35 -30.28
C CYS A 247 6.93 -18.58 -30.89
N TRP A 248 7.11 -19.75 -31.48
CA TRP A 248 8.27 -20.03 -32.31
C TRP A 248 8.00 -21.28 -33.17
N PRO A 249 8.73 -21.43 -34.27
CA PRO A 249 8.41 -22.57 -35.14
C PRO A 249 8.85 -23.90 -34.53
N VAL A 250 8.05 -24.93 -34.78
CA VAL A 250 8.36 -26.27 -34.35
C VAL A 250 8.58 -27.15 -35.59
N ASN A 251 9.84 -27.50 -35.84
CA ASN A 251 10.23 -28.36 -36.96
C ASN A 251 10.55 -29.80 -36.54
N SER A 252 10.74 -30.01 -35.24
CA SER A 252 10.86 -31.35 -34.68
C SER A 252 10.70 -31.30 -33.16
N ILE A 253 10.70 -32.48 -32.55
CA ILE A 253 10.52 -32.64 -31.11
C ILE A 253 11.53 -31.79 -30.30
N ASP A 254 12.68 -31.50 -30.89
CA ASP A 254 13.69 -30.70 -30.21
C ASP A 254 13.36 -29.20 -30.07
N ASP A 255 12.33 -28.73 -30.77
CA ASP A 255 11.89 -27.34 -30.59
C ASP A 255 10.89 -27.22 -29.43
N LEU A 256 10.47 -28.36 -28.89
CA LEU A 256 9.52 -28.38 -27.78
C LEU A 256 10.23 -28.31 -26.43
N LYS A 257 9.48 -27.93 -25.40
CA LYS A 257 9.95 -27.93 -24.01
C LYS A 257 8.86 -28.45 -23.08
N LEU A 258 9.17 -29.50 -22.33
CA LEU A 258 8.25 -30.07 -21.36
C LEU A 258 8.73 -29.70 -19.95
N ALA A 259 7.80 -29.18 -19.15
CA ALA A 259 8.11 -28.73 -17.81
C ALA A 259 7.11 -29.34 -16.84
N PRO A 260 7.48 -30.46 -16.21
CA PRO A 260 6.58 -31.12 -15.24
C PRO A 260 6.62 -30.37 -13.92
N PHE A 261 5.46 -30.19 -13.30
CA PHE A 261 5.42 -29.52 -12.00
C PHE A 261 4.78 -30.35 -10.87
N HIS A 262 4.13 -31.47 -11.22
CA HIS A 262 3.62 -32.40 -10.21
C HIS A 262 3.92 -33.84 -10.59
N ILE A 263 4.43 -34.60 -9.64
CA ILE A 263 4.36 -36.04 -9.77
C ILE A 263 3.08 -36.45 -9.07
N LEU A 264 2.09 -36.88 -9.84
CA LEU A 264 0.78 -37.15 -9.27
C LEU A 264 0.66 -38.54 -8.68
N ALA A 265 1.19 -39.53 -9.38
CA ALA A 265 0.91 -40.90 -9.00
C ALA A 265 1.93 -41.87 -9.54
N THR A 266 2.24 -42.85 -8.70
CA THR A 266 3.02 -44.00 -9.09
C THR A 266 2.30 -45.20 -8.47
N GLU A 267 2.76 -46.41 -8.76
CA GLU A 267 2.14 -47.63 -8.24
C GLU A 267 1.95 -47.53 -6.73
N GLY A 268 0.71 -47.74 -6.28
CA GLY A 268 0.37 -47.69 -4.87
C GLY A 268 0.37 -46.34 -4.16
N LYS A 269 0.63 -45.25 -4.87
CA LYS A 269 0.75 -43.95 -4.19
C LYS A 269 0.32 -42.72 -4.99
N VAL A 270 -0.59 -41.93 -4.42
CA VAL A 270 -0.87 -40.61 -4.97
C VAL A 270 -0.05 -39.61 -4.18
N HIS A 271 0.78 -38.83 -4.87
CA HIS A 271 1.78 -38.02 -4.19
C HIS A 271 1.27 -36.66 -3.72
N SER A 272 -0.03 -36.60 -3.45
CA SER A 272 -0.68 -35.38 -2.93
C SER A 272 -0.37 -35.11 -1.45
N ASP A 273 0.43 -35.97 -0.83
CA ASP A 273 0.84 -35.73 0.55
C ASP A 273 2.21 -35.07 0.62
N LYS A 274 2.85 -34.93 -0.53
CA LYS A 274 4.17 -34.28 -0.59
C LYS A 274 4.07 -32.78 -0.88
N ASN A 275 4.89 -31.99 -0.20
CA ASN A 275 4.91 -30.55 -0.40
C ASN A 275 5.54 -30.17 -1.75
N HIS A 276 5.36 -28.92 -2.16
CA HIS A 276 5.73 -28.51 -3.51
C HIS A 276 7.24 -28.37 -3.73
N ILE A 277 7.97 -28.13 -2.64
CA ILE A 277 9.42 -28.16 -2.70
C ILE A 277 9.89 -29.58 -3.07
N TRP A 278 9.30 -30.59 -2.45
CA TRP A 278 9.49 -31.99 -2.83
C TRP A 278 9.21 -32.24 -4.31
N HIS A 279 8.07 -31.78 -4.83
CA HIS A 279 7.77 -31.94 -6.26
C HIS A 279 8.81 -31.29 -7.13
N MET A 280 9.10 -30.02 -6.87
CA MET A 280 10.16 -29.34 -7.61
C MET A 280 11.49 -30.10 -7.54
N ASP A 281 11.91 -30.49 -6.33
CA ASP A 281 13.21 -31.17 -6.15
C ASP A 281 13.27 -32.53 -6.82
N THR A 282 12.23 -33.33 -6.60
CA THR A 282 12.17 -34.70 -7.13
C THR A 282 12.12 -34.70 -8.65
N ILE A 283 11.42 -33.73 -9.21
CA ILE A 283 11.31 -33.60 -10.65
C ILE A 283 12.64 -33.20 -11.28
N ALA A 284 13.28 -32.20 -10.69
CA ALA A 284 14.58 -31.74 -11.19
C ALA A 284 15.59 -32.88 -11.25
N LYS A 285 15.56 -33.74 -10.23
CA LYS A 285 16.53 -34.82 -10.10
C LYS A 285 16.22 -36.04 -10.96
N TYR A 286 14.96 -36.44 -10.99
CA TYR A 286 14.57 -37.62 -11.76
C TYR A 286 14.18 -37.38 -13.22
N CYS A 287 13.86 -36.12 -13.58
CA CYS A 287 13.29 -35.84 -14.91
C CYS A 287 14.07 -34.89 -15.81
N THR A 288 14.94 -34.05 -15.26
CA THR A 288 15.48 -32.96 -16.06
C THR A 288 16.99 -32.98 -16.33
N GLN A 289 17.70 -33.92 -15.70
CA GLN A 289 19.14 -34.05 -15.94
C GLN A 289 19.44 -34.51 -17.37
N ASP A 290 20.42 -33.86 -17.99
CA ASP A 290 21.00 -34.32 -19.27
C ASP A 290 20.01 -34.59 -20.39
N ASP A 291 19.02 -33.72 -20.53
CA ASP A 291 18.09 -33.73 -21.64
C ASP A 291 17.33 -32.43 -21.66
N SER A 292 17.77 -31.52 -22.51
CA SER A 292 17.28 -30.16 -22.54
C SER A 292 15.80 -30.06 -22.95
N LEU A 293 15.25 -31.14 -23.50
CA LEU A 293 13.82 -31.22 -23.81
C LEU A 293 12.95 -31.08 -22.54
N ILE A 294 13.45 -31.59 -21.43
CA ILE A 294 12.70 -31.61 -20.17
C ILE A 294 13.29 -30.64 -19.14
N MET A 295 12.62 -29.51 -18.94
CA MET A 295 13.22 -28.44 -18.13
C MET A 295 12.74 -28.41 -16.67
N ALA A 296 13.61 -27.91 -15.81
CA ALA A 296 13.25 -27.67 -14.42
C ALA A 296 12.47 -26.38 -14.35
N THR A 297 11.78 -26.17 -13.23
CA THR A 297 10.98 -24.98 -13.05
C THR A 297 11.61 -24.02 -12.04
N ASN A 298 11.82 -22.78 -12.47
CA ASN A 298 12.29 -21.72 -11.60
C ASN A 298 11.28 -21.52 -10.48
N HIS A 299 11.71 -21.63 -9.24
CA HIS A 299 10.80 -21.47 -8.11
C HIS A 299 11.46 -20.83 -6.89
N ILE A 300 10.65 -20.28 -6.01
CA ILE A 300 11.13 -19.80 -4.71
C ILE A 300 10.17 -20.11 -3.58
N LEU A 301 10.70 -20.14 -2.37
CA LEU A 301 9.89 -20.36 -1.16
C LEU A 301 9.67 -19.00 -0.51
N VAL A 302 8.44 -18.72 -0.10
CA VAL A 302 8.15 -17.44 0.54
C VAL A 302 7.43 -17.62 1.88
N ASP A 303 8.00 -17.03 2.94
CA ASP A 303 7.35 -16.89 4.24
C ASP A 303 6.42 -15.68 4.17
N VAL A 304 5.11 -15.92 4.07
CA VAL A 304 4.18 -14.82 3.85
C VAL A 304 3.97 -13.95 5.09
N THR A 305 4.44 -14.41 6.26
CA THR A 305 4.41 -13.58 7.46
C THR A 305 5.56 -12.57 7.57
N ASP A 306 6.64 -12.78 6.81
CA ASP A 306 7.88 -12.00 6.95
C ASP A 306 8.06 -10.96 5.84
N ALA A 307 8.27 -9.70 6.23
CA ALA A 307 8.38 -8.61 5.25
C ALA A 307 9.54 -8.79 4.27
N GLU A 308 10.66 -9.31 4.77
CA GLU A 308 11.84 -9.48 3.93
C GLU A 308 11.62 -10.56 2.89
N SER A 309 10.97 -11.64 3.29
CA SER A 309 10.76 -12.77 2.41
C SER A 309 9.75 -12.41 1.32
N VAL A 310 8.70 -11.69 1.71
CA VAL A 310 7.73 -11.12 0.78
C VAL A 310 8.37 -10.15 -0.23
N ASP A 311 9.34 -9.37 0.23
CA ASP A 311 10.06 -8.46 -0.66
C ASP A 311 10.85 -9.23 -1.71
N LYS A 312 11.42 -10.37 -1.32
CA LYS A 312 12.14 -11.22 -2.27
C LYS A 312 11.19 -11.78 -3.31
N GLY A 313 10.02 -12.23 -2.86
CA GLY A 313 9.03 -12.81 -3.75
C GLY A 313 8.65 -11.81 -4.82
N ILE A 314 8.36 -10.60 -4.39
CA ILE A 314 8.00 -9.51 -5.27
C ILE A 314 9.10 -9.21 -6.31
N LYS A 315 10.32 -9.05 -5.82
CA LYS A 315 11.49 -8.80 -6.65
C LYS A 315 11.66 -9.91 -7.69
N TRP A 316 11.56 -11.16 -7.23
CA TRP A 316 11.70 -12.32 -8.12
C TRP A 316 10.60 -12.35 -9.20
N TRP A 317 9.38 -12.03 -8.81
CA TRP A 317 8.26 -11.96 -9.76
C TRP A 317 8.46 -10.81 -10.75
N GLU A 318 8.95 -9.68 -10.26
CA GLU A 318 9.18 -8.52 -11.12
C GLU A 318 10.24 -8.82 -12.17
N ASP A 319 11.26 -9.57 -11.80
CA ASP A 319 12.34 -9.89 -12.72
C ASP A 319 11.89 -10.89 -13.76
N LEU A 320 11.19 -11.93 -13.30
CA LEU A 320 10.65 -12.97 -14.15
C LEU A 320 9.76 -12.40 -15.26
N THR A 321 8.82 -11.55 -14.87
CA THR A 321 7.92 -10.96 -15.85
C THR A 321 8.54 -9.87 -16.72
N ALA A 322 9.50 -9.12 -16.18
CA ALA A 322 10.22 -8.13 -16.99
C ALA A 322 11.02 -8.83 -18.12
N SER A 323 11.47 -10.04 -17.87
CA SER A 323 12.18 -10.79 -18.89
C SER A 323 11.25 -11.68 -19.70
N GLY A 324 9.96 -11.38 -19.68
CA GLY A 324 9.02 -12.02 -20.58
C GLY A 324 8.22 -13.21 -20.07
N GLY A 325 8.53 -13.68 -18.87
CA GLY A 325 7.70 -14.70 -18.21
C GLY A 325 6.24 -14.24 -18.04
N GLU A 326 5.31 -15.18 -18.17
CA GLU A 326 3.89 -14.87 -17.96
C GLU A 326 3.56 -14.36 -16.55
N GLY A 327 4.23 -14.94 -15.54
CA GLY A 327 3.89 -14.69 -14.16
C GLY A 327 4.23 -15.89 -13.27
N MET A 328 3.53 -16.04 -12.16
CA MET A 328 3.78 -17.17 -11.30
C MET A 328 2.51 -17.88 -10.89
N VAL A 329 2.67 -19.15 -10.51
CA VAL A 329 1.63 -19.84 -9.80
C VAL A 329 2.05 -19.89 -8.33
N VAL A 330 1.22 -19.31 -7.46
CA VAL A 330 1.49 -19.32 -6.03
C VAL A 330 0.77 -20.50 -5.36
N LYS A 331 1.54 -21.43 -4.80
CA LYS A 331 0.96 -22.62 -4.18
C LYS A 331 1.25 -22.70 -2.69
N PRO A 332 0.30 -23.22 -1.92
CA PRO A 332 0.58 -23.47 -0.51
C PRO A 332 1.73 -24.46 -0.40
N TYR A 333 2.59 -24.31 0.61
CA TYR A 333 3.71 -25.22 0.80
C TYR A 333 3.27 -26.67 0.72
N ASP A 334 2.23 -27.03 1.46
CA ASP A 334 1.65 -28.35 1.37
C ASP A 334 0.67 -28.47 0.22
N PHE A 335 0.60 -29.65 -0.37
CA PHE A 335 -0.15 -29.87 -1.60
C PHE A 335 -1.64 -29.60 -1.39
N ILE A 336 -2.22 -30.30 -0.41
CA ILE A 336 -3.59 -30.07 0.01
C ILE A 336 -3.58 -29.40 1.37
N VAL A 337 -4.35 -28.34 1.52
CA VAL A 337 -4.35 -27.60 2.77
C VAL A 337 -5.76 -27.12 3.11
N LYS A 338 -6.02 -27.00 4.40
CA LYS A 338 -7.32 -26.61 4.92
C LYS A 338 -7.20 -25.54 6.01
N ASN A 339 -8.18 -24.65 6.05
CA ASN A 339 -8.32 -23.72 7.15
C ASN A 339 -9.47 -24.25 7.98
N GLY A 340 -9.14 -24.97 9.06
CA GLY A 340 -10.12 -25.75 9.78
C GLY A 340 -10.66 -26.87 8.91
N ARG A 341 -11.94 -26.77 8.55
CA ARG A 341 -12.54 -27.76 7.66
C ARG A 341 -12.69 -27.21 6.25
N GLU A 342 -12.27 -25.96 6.09
CA GLU A 342 -12.40 -25.28 4.81
C GLU A 342 -11.19 -25.50 3.89
N LEU A 343 -11.42 -26.18 2.78
CA LEU A 343 -10.41 -26.43 1.76
C LEU A 343 -9.96 -25.12 1.08
N LEU A 344 -8.65 -24.97 0.91
CA LEU A 344 -8.12 -23.74 0.35
C LEU A 344 -7.64 -23.99 -1.06
N GLN A 345 -7.51 -22.93 -1.84
CA GLN A 345 -7.01 -23.03 -3.20
C GLN A 345 -5.66 -23.76 -3.21
N PRO A 346 -5.53 -24.76 -4.09
CA PRO A 346 -4.27 -25.48 -4.21
C PRO A 346 -3.28 -24.64 -5.03
N ALA A 347 -3.76 -23.52 -5.57
CA ALA A 347 -2.98 -22.68 -6.47
C ALA A 347 -3.67 -21.35 -6.77
N VAL A 348 -2.87 -20.29 -6.79
CA VAL A 348 -3.37 -18.99 -7.22
C VAL A 348 -2.47 -18.39 -8.31
N LYS A 349 -3.06 -17.91 -9.41
CA LYS A 349 -2.25 -17.36 -10.49
C LYS A 349 -2.05 -15.87 -10.27
N CYS A 350 -0.87 -15.39 -10.62
CA CYS A 350 -0.58 -13.97 -10.48
C CYS A 350 0.26 -13.56 -11.68
N ARG A 351 -0.37 -12.92 -12.65
CA ARG A 351 0.23 -12.75 -13.98
C ARG A 351 0.84 -11.37 -14.23
N GLY A 352 1.85 -11.34 -15.11
CA GLY A 352 2.58 -10.11 -15.37
C GLY A 352 1.76 -8.99 -16.00
N ARG A 353 2.19 -7.75 -15.78
CA ARG A 353 1.51 -6.59 -16.30
C ARG A 353 1.46 -6.60 -17.82
N GLU A 354 2.59 -6.95 -18.44
CA GLU A 354 2.68 -6.98 -19.90
C GLU A 354 1.99 -8.21 -20.49
N TYR A 355 2.13 -9.35 -19.83
CA TYR A 355 1.45 -10.55 -20.31
C TYR A 355 -0.07 -10.36 -20.41
N LEU A 356 -0.64 -9.64 -19.46
CA LEU A 356 -2.09 -9.52 -19.38
C LEU A 356 -2.75 -8.76 -20.53
N ARG A 357 -1.95 -8.06 -21.35
CA ARG A 357 -2.48 -7.43 -22.56
C ARG A 357 -3.09 -8.47 -23.51
N ILE A 358 -2.54 -9.68 -23.49
CA ILE A 358 -3.11 -10.79 -24.26
C ILE A 358 -4.44 -11.27 -23.68
N ILE A 359 -4.70 -11.00 -22.41
CA ILE A 359 -5.91 -11.49 -21.76
C ILE A 359 -7.01 -10.40 -21.63
N TYR A 360 -6.63 -9.25 -21.07
CA TYR A 360 -7.53 -8.12 -20.89
C TYR A 360 -7.55 -7.13 -22.04
N GLY A 361 -6.63 -7.29 -22.98
CA GLY A 361 -6.60 -6.42 -24.15
C GLY A 361 -5.38 -5.51 -24.16
N PRO A 362 -4.86 -5.20 -25.35
CA PRO A 362 -3.68 -4.36 -25.57
C PRO A 362 -3.75 -3.04 -24.81
N GLU A 363 -4.93 -2.49 -24.63
CA GLU A 363 -5.08 -1.17 -24.02
C GLU A 363 -5.60 -1.17 -22.58
N TYR A 364 -5.65 -2.33 -21.93
CA TYR A 364 -6.22 -2.43 -20.58
C TYR A 364 -5.47 -1.57 -19.53
N THR A 365 -4.20 -1.25 -19.75
CA THR A 365 -3.44 -0.48 -18.75
C THR A 365 -3.72 1.03 -18.74
N MET A 366 -4.41 1.54 -19.76
CA MET A 366 -4.75 2.95 -19.78
C MET A 366 -5.73 3.25 -18.66
N ASP A 367 -5.57 4.41 -18.04
CA ASP A 367 -6.25 4.75 -16.78
C ASP A 367 -7.74 4.46 -16.77
N GLU A 368 -8.46 4.98 -17.76
CA GLU A 368 -9.90 4.84 -17.84
C GLU A 368 -10.37 3.39 -18.04
N ASN A 369 -9.47 2.54 -18.49
CA ASN A 369 -9.77 1.12 -18.63
C ASN A 369 -9.44 0.34 -17.36
N ILE A 370 -8.21 0.48 -16.87
CA ILE A 370 -7.75 -0.36 -15.77
C ILE A 370 -8.57 -0.15 -14.50
N GLU A 371 -9.16 1.03 -14.36
CA GLU A 371 -9.95 1.30 -13.17
C GLU A 371 -11.28 0.54 -13.21
N ARG A 372 -11.82 0.36 -14.41
CA ARG A 372 -13.08 -0.35 -14.57
C ARG A 372 -12.91 -1.87 -14.44
N LEU A 373 -11.67 -2.33 -14.44
CA LEU A 373 -11.41 -3.77 -14.38
C LEU A 373 -11.09 -4.29 -12.99
N ARG A 374 -10.93 -3.36 -12.03
CA ARG A 374 -10.59 -3.74 -10.66
C ARG A 374 -11.72 -4.43 -9.91
N ASN A 375 -12.94 -4.21 -10.37
CA ASN A 375 -14.12 -4.75 -9.70
C ASN A 375 -14.54 -6.06 -10.36
N ARG A 376 -13.74 -7.09 -10.14
CA ARG A 376 -14.03 -8.39 -10.72
C ARG A 376 -14.31 -9.39 -9.62
N ALA A 377 -15.13 -10.37 -9.95
CA ALA A 377 -15.60 -11.32 -8.95
C ALA A 377 -15.00 -12.70 -9.22
N VAL A 378 -14.20 -13.19 -8.28
CA VAL A 378 -13.50 -14.45 -8.43
C VAL A 378 -14.15 -15.57 -7.61
N GLY A 379 -15.24 -15.24 -6.92
CA GLY A 379 -15.98 -16.20 -6.12
C GLY A 379 -16.37 -17.43 -6.91
N LYS A 380 -16.97 -17.21 -8.07
CA LYS A 380 -17.41 -18.34 -8.88
C LYS A 380 -16.21 -19.16 -9.39
N LYS A 381 -15.15 -18.47 -9.79
CA LYS A 381 -13.99 -19.14 -10.32
C LYS A 381 -13.30 -19.99 -9.24
N ARG A 382 -13.23 -19.42 -8.03
CA ARG A 382 -12.64 -20.12 -6.90
C ARG A 382 -13.43 -21.39 -6.56
N SER A 383 -14.74 -21.31 -6.61
CA SER A 383 -15.58 -22.50 -6.34
C SER A 383 -15.41 -23.59 -7.40
N LEU A 384 -15.32 -23.21 -8.68
CA LEU A 384 -15.07 -24.20 -9.74
C LEU A 384 -13.73 -24.94 -9.57
N ALA A 385 -12.71 -24.22 -9.12
CA ALA A 385 -11.38 -24.79 -8.97
C ALA A 385 -11.35 -25.84 -7.85
N LEU A 386 -11.93 -25.50 -6.69
CA LEU A 386 -12.00 -26.42 -5.55
C LEU A 386 -12.72 -27.71 -5.95
N ARG A 387 -13.86 -27.55 -6.62
CA ARG A 387 -14.62 -28.72 -7.06
C ARG A 387 -13.86 -29.54 -8.09
N GLU A 388 -13.18 -28.88 -9.03
CA GLU A 388 -12.43 -29.63 -10.02
C GLU A 388 -11.19 -30.27 -9.39
N PHE A 389 -10.57 -29.55 -8.46
CA PHE A 389 -9.41 -30.08 -7.75
C PHE A 389 -9.80 -31.34 -7.02
N SER A 390 -10.96 -31.31 -6.37
CA SER A 390 -11.45 -32.43 -5.56
C SER A 390 -11.80 -33.64 -6.41
N LEU A 391 -12.38 -33.43 -7.59
CA LEU A 391 -12.61 -34.53 -8.52
C LEU A 391 -11.32 -35.19 -9.03
N GLY A 392 -10.30 -34.38 -9.32
CA GLY A 392 -9.04 -34.91 -9.83
C GLY A 392 -8.30 -35.75 -8.79
N MET A 393 -8.17 -35.22 -7.59
CA MET A 393 -7.64 -35.99 -6.47
C MET A 393 -8.36 -37.33 -6.29
N GLU A 394 -9.68 -37.31 -6.39
CA GLU A 394 -10.46 -38.51 -6.20
C GLU A 394 -10.27 -39.52 -7.34
N ALA A 395 -10.19 -39.04 -8.57
CA ALA A 395 -9.90 -39.90 -9.71
C ALA A 395 -8.59 -40.67 -9.49
N LEU A 396 -7.56 -39.94 -9.10
CA LEU A 396 -6.24 -40.50 -8.85
C LEU A 396 -6.24 -41.53 -7.71
N GLU A 397 -6.96 -41.26 -6.62
CA GLU A 397 -6.98 -42.19 -5.49
C GLU A 397 -7.80 -43.44 -5.79
N ARG A 398 -8.89 -43.28 -6.55
CA ARG A 398 -9.66 -44.44 -6.95
C ARG A 398 -8.86 -45.36 -7.88
N PHE A 399 -8.06 -44.76 -8.76
CA PHE A 399 -7.25 -45.55 -9.68
C PHE A 399 -6.10 -46.24 -8.95
N VAL A 400 -5.45 -45.52 -8.04
CA VAL A 400 -4.34 -46.05 -7.29
C VAL A 400 -4.76 -47.19 -6.32
N ARG A 401 -6.03 -47.20 -5.91
CA ARG A 401 -6.53 -48.27 -5.02
C ARG A 401 -7.24 -49.35 -5.83
N ASN A 402 -7.08 -49.27 -7.16
CA ASN A 402 -7.60 -50.29 -8.08
C ASN A 402 -9.12 -50.43 -8.18
N GLU A 403 -9.88 -49.34 -8.04
CA GLU A 403 -11.33 -49.43 -8.25
C GLU A 403 -11.61 -49.57 -9.75
N PRO A 404 -12.79 -50.11 -10.12
CA PRO A 404 -13.13 -50.24 -11.53
C PRO A 404 -13.10 -48.92 -12.31
N LEU A 405 -13.01 -49.03 -13.62
CA LEU A 405 -12.80 -47.89 -14.49
C LEU A 405 -13.90 -46.84 -14.37
N TYR A 406 -15.15 -47.28 -14.31
CA TYR A 406 -16.26 -46.33 -14.30
C TYR A 406 -16.26 -45.44 -13.05
N ARG A 407 -15.64 -45.91 -11.96
CA ARG A 407 -15.51 -45.08 -10.75
C ARG A 407 -14.42 -44.02 -10.91
N VAL A 408 -13.35 -44.37 -11.61
CA VAL A 408 -12.31 -43.41 -11.94
C VAL A 408 -12.89 -42.43 -12.97
N HIS A 409 -13.51 -43.01 -14.00
CA HIS A 409 -14.04 -42.22 -15.10
C HIS A 409 -15.05 -41.16 -14.71
N GLU A 410 -15.91 -41.44 -13.73
CA GLU A 410 -16.94 -40.46 -13.36
C GLU A 410 -16.37 -39.17 -12.77
N CYS A 411 -15.25 -39.27 -12.06
CA CYS A 411 -14.57 -38.10 -11.55
C CYS A 411 -13.91 -37.28 -12.67
N VAL A 412 -13.26 -37.99 -13.59
CA VAL A 412 -12.58 -37.36 -14.72
C VAL A 412 -13.61 -36.71 -15.62
N PHE A 413 -14.74 -37.39 -15.79
CA PHE A 413 -15.83 -36.87 -16.59
C PHE A 413 -16.44 -35.67 -15.92
N GLY A 414 -16.45 -35.71 -14.59
CA GLY A 414 -16.96 -34.61 -13.80
C GLY A 414 -16.19 -33.31 -13.99
N VAL A 415 -14.87 -33.41 -14.03
CA VAL A 415 -14.01 -32.25 -14.29
C VAL A 415 -14.37 -31.60 -15.62
N LEU A 416 -14.46 -32.43 -16.67
CA LEU A 416 -14.87 -31.98 -17.99
C LEU A 416 -16.22 -31.27 -17.94
N ALA A 417 -17.19 -31.88 -17.27
CA ALA A 417 -18.52 -31.24 -17.18
C ALA A 417 -18.52 -29.88 -16.48
N LEU A 418 -17.76 -29.73 -15.39
CA LEU A 418 -17.71 -28.46 -14.67
C LEU A 418 -17.05 -27.37 -15.50
N GLU A 419 -16.10 -27.78 -16.34
CA GLU A 419 -15.42 -26.85 -17.23
C GLU A 419 -16.34 -26.22 -18.29
N SER A 420 -17.55 -26.73 -18.45
CA SER A 420 -18.50 -26.11 -19.37
C SER A 420 -19.42 -25.09 -18.69
N GLU A 421 -19.29 -24.93 -17.38
CA GLU A 421 -20.00 -23.88 -16.65
C GLU A 421 -19.45 -22.50 -17.04
N PRO A 422 -20.33 -21.60 -17.51
CA PRO A 422 -19.89 -20.26 -17.93
C PRO A 422 -19.24 -19.46 -16.80
N VAL A 423 -18.19 -18.74 -17.13
CA VAL A 423 -17.40 -17.98 -16.14
C VAL A 423 -16.53 -16.99 -16.92
N ASP A 424 -16.16 -15.88 -16.29
CA ASP A 424 -15.28 -14.89 -16.91
C ASP A 424 -13.98 -15.54 -17.39
N PRO A 425 -13.76 -15.54 -18.72
CA PRO A 425 -12.62 -16.23 -19.34
C PRO A 425 -11.29 -15.52 -19.10
N ARG A 426 -11.31 -14.30 -18.55
CA ARG A 426 -10.07 -13.55 -18.30
C ARG A 426 -9.44 -13.96 -16.99
N LEU A 427 -10.18 -14.74 -16.21
CA LEU A 427 -9.66 -15.26 -14.95
C LEU A 427 -8.88 -16.56 -15.17
N MET B 1 -10.33 2.13 -39.12
CA MET B 1 -10.48 2.99 -37.97
C MET B 1 -10.43 4.44 -38.46
N ILE B 2 -9.87 4.61 -39.65
CA ILE B 2 -9.66 5.94 -40.22
C ILE B 2 -10.28 6.09 -41.59
N LEU B 3 -10.93 7.24 -41.79
CA LEU B 3 -11.42 7.67 -43.09
C LEU B 3 -10.80 9.03 -43.37
N THR B 4 -10.15 9.19 -44.52
CA THR B 4 -9.72 10.52 -44.96
C THR B 4 -10.39 10.92 -46.27
N ILE B 5 -10.60 12.22 -46.47
CA ILE B 5 -11.09 12.75 -47.74
C ILE B 5 -10.23 13.94 -48.15
N THR B 6 -9.73 13.93 -49.37
CA THR B 6 -8.77 14.93 -49.83
C THR B 6 -9.29 15.66 -51.06
N TYR B 7 -9.09 16.98 -51.08
CA TYR B 7 -9.62 17.85 -52.12
C TYR B 7 -8.54 18.85 -52.51
N THR B 8 -8.32 19.04 -53.82
CA THR B 8 -7.22 19.87 -54.31
C THR B 8 -7.58 20.99 -55.29
N GLN B 9 -8.87 21.27 -55.49
CA GLN B 9 -9.27 22.39 -56.35
C GLN B 9 -9.19 23.72 -55.61
N PRO B 10 -8.31 24.62 -56.05
CA PRO B 10 -8.14 25.88 -55.32
C PRO B 10 -9.39 26.76 -55.42
N PRO B 11 -9.87 27.29 -54.29
CA PRO B 11 -9.31 27.12 -52.94
C PRO B 11 -9.77 25.82 -52.26
N ALA B 12 -8.85 24.93 -51.91
CA ALA B 12 -9.19 23.60 -51.39
C ALA B 12 -9.91 23.64 -50.04
N THR B 13 -9.76 24.73 -49.30
CA THR B 13 -10.44 24.89 -48.02
C THR B 13 -11.96 24.89 -48.18
N ASP B 14 -12.44 25.00 -49.42
CA ASP B 14 -13.88 24.84 -49.68
C ASP B 14 -14.43 23.50 -49.16
N LEU B 15 -13.56 22.50 -49.05
CA LEU B 15 -13.91 21.21 -48.44
C LEU B 15 -14.51 21.39 -47.05
N GLY B 16 -14.03 22.37 -46.31
CA GLY B 16 -14.59 22.71 -45.01
C GLY B 16 -16.05 23.16 -45.00
N TYR B 17 -16.45 24.01 -45.95
CA TYR B 17 -17.86 24.41 -46.03
C TYR B 17 -18.71 23.23 -46.47
N LEU B 18 -18.22 22.47 -47.44
CA LEU B 18 -19.00 21.37 -48.00
C LEU B 18 -19.29 20.29 -46.94
N LEU B 19 -18.39 20.15 -45.98
CA LEU B 19 -18.54 19.13 -44.95
C LEU B 19 -19.09 19.71 -43.65
N HIS B 20 -19.29 21.03 -43.63
CA HIS B 20 -19.83 21.78 -42.49
C HIS B 20 -18.96 21.66 -41.24
N LYS B 21 -17.65 21.63 -41.45
CA LYS B 21 -16.71 21.57 -40.34
C LYS B 21 -15.59 22.56 -40.58
N ASN B 22 -15.36 23.43 -39.61
CA ASN B 22 -14.28 24.42 -39.68
C ASN B 22 -12.95 23.71 -39.50
N PRO B 23 -12.04 23.86 -40.48
CA PRO B 23 -10.72 23.21 -40.42
C PRO B 23 -9.89 23.64 -39.21
N SER B 24 -10.22 24.77 -38.60
CA SER B 24 -9.41 25.22 -37.47
C SER B 24 -9.96 24.68 -36.14
N ARG B 25 -11.10 24.00 -36.18
CA ARG B 25 -11.73 23.51 -34.96
C ARG B 25 -12.02 22.00 -34.93
N PRO B 26 -11.06 21.22 -34.42
CA PRO B 26 -11.18 19.78 -34.18
C PRO B 26 -12.36 19.46 -33.27
N GLN B 27 -13.09 18.39 -33.57
CA GLN B 27 -14.27 18.02 -32.78
C GLN B 27 -14.36 16.54 -32.43
N THR B 28 -15.03 16.28 -31.32
CA THR B 28 -15.29 14.93 -30.86
C THR B 28 -16.80 14.69 -30.75
N PHE B 29 -17.27 13.59 -31.33
CA PHE B 29 -18.67 13.22 -31.28
C PHE B 29 -18.86 11.91 -30.53
N GLU B 30 -19.98 11.80 -29.82
CA GLU B 30 -20.29 10.62 -29.05
C GLU B 30 -20.92 9.54 -29.92
N LEU B 31 -20.45 8.31 -29.77
CA LEU B 31 -21.06 7.17 -30.43
C LEU B 31 -21.51 6.18 -29.37
N ASN B 32 -22.26 5.15 -29.78
CA ASN B 32 -22.44 3.99 -28.92
C ASN B 32 -21.12 3.23 -28.84
N HIS B 33 -20.67 2.99 -27.61
CA HIS B 33 -19.40 2.29 -27.35
C HIS B 33 -18.15 3.10 -27.75
N GLY B 34 -18.27 4.43 -27.74
CA GLY B 34 -17.09 5.27 -27.88
C GLY B 34 -17.29 6.59 -28.57
N LYS B 35 -16.23 7.12 -29.16
CA LYS B 35 -16.22 8.46 -29.72
C LYS B 35 -15.65 8.47 -31.14
N ALA B 36 -15.91 9.56 -31.87
CA ALA B 36 -15.32 9.78 -33.18
C ALA B 36 -14.70 11.17 -33.22
N HIS B 37 -13.49 11.28 -33.76
CA HIS B 37 -12.82 12.57 -33.85
C HIS B 37 -12.72 13.02 -35.29
N ILE B 38 -12.98 14.29 -35.53
CA ILE B 38 -12.78 14.84 -36.85
C ILE B 38 -11.86 16.03 -36.78
N PHE B 39 -10.91 16.11 -37.70
CA PHE B 39 -9.96 17.20 -37.71
C PHE B 39 -9.30 17.25 -39.10
N TYR B 40 -8.55 18.31 -39.37
CA TYR B 40 -7.92 18.48 -40.67
C TYR B 40 -6.39 18.43 -40.59
N PRO B 41 -5.80 17.31 -41.00
CA PRO B 41 -4.33 17.26 -40.99
C PRO B 41 -3.70 18.28 -41.95
N GLU B 42 -4.45 18.71 -42.95
CA GLU B 42 -3.97 19.71 -43.89
C GLU B 42 -5.11 20.59 -44.40
N ALA B 43 -4.86 21.89 -44.50
CA ALA B 43 -5.89 22.83 -44.96
C ALA B 43 -5.30 24.12 -45.55
N THR B 44 -4.96 24.09 -46.83
CA THR B 44 -4.44 25.25 -47.56
C THR B 44 -5.27 25.53 -48.82
N SER B 45 -4.90 26.58 -49.55
CA SER B 45 -5.59 26.89 -50.80
C SER B 45 -5.46 25.76 -51.82
N GLU B 46 -4.32 25.07 -51.79
CA GLU B 46 -4.01 24.04 -52.77
C GLU B 46 -4.47 22.63 -52.36
N ARG B 47 -4.43 22.32 -51.07
CA ARG B 47 -4.79 20.99 -50.60
C ARG B 47 -5.50 20.98 -49.25
N CYS B 48 -6.69 20.39 -49.23
CA CYS B 48 -7.39 20.16 -47.98
C CYS B 48 -7.67 18.65 -47.76
N THR B 49 -7.35 18.16 -46.56
CA THR B 49 -7.65 16.77 -46.19
C THR B 49 -8.37 16.69 -44.87
N VAL B 50 -9.51 16.01 -44.85
CA VAL B 50 -10.21 15.80 -43.60
C VAL B 50 -9.97 14.37 -43.10
N ALA B 51 -9.97 14.20 -41.78
CA ALA B 51 -9.80 12.89 -41.15
C ALA B 51 -10.91 12.57 -40.16
N LEU B 52 -11.44 11.36 -40.26
CA LEU B 52 -12.44 10.87 -39.31
C LEU B 52 -11.85 9.65 -38.58
N LEU B 53 -11.65 9.83 -37.28
CA LEU B 53 -10.96 8.86 -36.43
C LEU B 53 -11.91 8.20 -35.42
N LEU B 54 -12.02 6.87 -35.46
CA LEU B 54 -12.83 6.15 -34.48
C LEU B 54 -12.04 5.96 -33.18
N ASP B 55 -12.72 6.14 -32.06
CA ASP B 55 -12.12 6.01 -30.73
C ASP B 55 -12.98 5.04 -29.89
N ILE B 56 -12.88 3.75 -30.18
CA ILE B 56 -13.78 2.78 -29.59
C ILE B 56 -13.27 2.31 -28.24
N ASP B 57 -14.14 2.28 -27.25
CA ASP B 57 -13.78 1.72 -25.95
C ASP B 57 -13.96 0.21 -25.91
N PRO B 58 -12.85 -0.53 -25.72
CA PRO B 58 -12.93 -2.00 -25.70
C PRO B 58 -13.76 -2.56 -24.52
N ILE B 59 -13.78 -1.86 -23.39
CA ILE B 59 -14.56 -2.29 -22.23
C ILE B 59 -16.08 -2.13 -22.41
N ASP B 60 -16.53 -0.91 -22.73
CA ASP B 60 -17.95 -0.67 -22.95
C ASP B 60 -18.50 -1.47 -24.12
N LEU B 61 -17.64 -1.72 -25.11
CA LEU B 61 -18.03 -2.52 -26.26
C LEU B 61 -18.42 -3.93 -25.80
N ALA B 62 -17.54 -4.53 -25.02
CA ALA B 62 -17.75 -5.90 -24.55
C ALA B 62 -18.93 -6.00 -23.58
N ARG B 63 -19.14 -4.96 -22.79
CA ARG B 63 -20.24 -4.92 -21.83
C ARG B 63 -21.59 -4.71 -22.53
N GLY B 64 -21.54 -4.33 -23.80
CA GLY B 64 -22.74 -4.15 -24.59
C GLY B 64 -23.11 -5.43 -25.32
N GLY B 73 -16.91 -14.94 -23.54
CA GLY B 73 -15.87 -15.45 -24.44
C GLY B 73 -14.67 -14.52 -24.52
N LEU B 74 -13.47 -15.10 -24.65
CA LEU B 74 -12.24 -14.32 -24.61
C LEU B 74 -12.19 -13.25 -25.72
N PHE B 75 -12.71 -13.57 -26.89
CA PHE B 75 -12.64 -12.63 -28.01
C PHE B 75 -13.82 -11.65 -28.09
N ASP B 76 -14.66 -11.64 -27.05
CA ASP B 76 -15.55 -10.52 -26.78
C ASP B 76 -14.75 -9.40 -26.10
N TYR B 77 -13.64 -9.74 -25.46
CA TYR B 77 -12.81 -8.76 -24.77
C TYR B 77 -11.61 -8.32 -25.61
N VAL B 78 -11.04 -9.26 -26.37
CA VAL B 78 -9.89 -8.97 -27.23
C VAL B 78 -10.27 -9.24 -28.68
N ASN B 79 -10.48 -8.16 -29.44
CA ASN B 79 -10.93 -8.27 -30.82
C ASN B 79 -10.50 -7.05 -31.65
N ASP B 80 -10.74 -7.11 -32.96
CA ASP B 80 -10.29 -6.07 -33.88
C ASP B 80 -11.24 -4.86 -34.03
N ARG B 81 -12.42 -4.95 -33.41
CA ARG B 81 -13.44 -3.88 -33.52
C ARG B 81 -12.98 -2.43 -33.31
N PRO B 82 -12.09 -2.14 -32.33
CA PRO B 82 -11.62 -0.76 -32.21
C PRO B 82 -10.70 -0.31 -33.35
N TYR B 83 -10.26 -1.21 -34.22
CA TYR B 83 -9.18 -0.89 -35.15
C TYR B 83 -9.53 -1.02 -36.64
N VAL B 84 -10.80 -1.23 -36.94
CA VAL B 84 -11.19 -1.49 -38.30
C VAL B 84 -12.32 -0.57 -38.77
N SER B 85 -12.47 -0.48 -40.07
CA SER B 85 -13.58 0.25 -40.64
C SER B 85 -14.77 -0.68 -40.79
N SER B 86 -15.46 -0.90 -39.68
CA SER B 86 -16.68 -1.68 -39.65
C SER B 86 -17.86 -0.74 -39.82
N SER B 87 -19.06 -1.25 -39.56
CA SER B 87 -20.28 -0.44 -39.58
C SER B 87 -20.22 0.75 -38.62
N PHE B 88 -19.39 0.67 -37.59
CA PHE B 88 -19.16 1.80 -36.69
C PHE B 88 -18.70 3.03 -37.45
N MET B 89 -17.90 2.82 -38.50
CA MET B 89 -17.45 3.91 -39.36
C MET B 89 -18.62 4.58 -40.09
N SER B 90 -19.52 3.78 -40.65
CA SER B 90 -20.79 4.31 -41.20
C SER B 90 -21.59 5.12 -40.17
N VAL B 91 -21.81 4.57 -38.99
CA VAL B 91 -22.55 5.26 -37.92
C VAL B 91 -21.91 6.62 -37.62
N ALA B 92 -20.59 6.63 -37.53
CA ALA B 92 -19.85 7.88 -37.33
C ALA B 92 -19.98 8.89 -38.49
N ILE B 93 -19.95 8.41 -39.73
CA ILE B 93 -20.12 9.29 -40.89
C ILE B 93 -21.45 10.05 -40.83
N SER B 94 -22.51 9.32 -40.52
CA SER B 94 -23.84 9.91 -40.37
C SER B 94 -23.89 10.92 -39.23
N ARG B 95 -23.18 10.62 -38.14
CA ARG B 95 -23.17 11.51 -36.97
C ARG B 95 -22.34 12.78 -37.20
N VAL B 96 -21.36 12.70 -38.09
CA VAL B 96 -20.42 13.81 -38.27
C VAL B 96 -20.67 14.58 -39.58
N PHE B 97 -21.12 13.88 -40.61
CA PHE B 97 -21.23 14.49 -41.93
C PHE B 97 -22.66 14.48 -42.47
N GLY B 98 -23.63 14.39 -41.56
CA GLY B 98 -25.04 14.23 -41.91
C GLY B 98 -25.63 15.26 -42.86
N THR B 99 -25.26 16.52 -42.66
CA THR B 99 -25.75 17.59 -43.52
C THR B 99 -25.18 17.48 -44.94
N ALA B 100 -23.88 17.18 -45.02
CA ALA B 100 -23.24 17.01 -46.31
C ALA B 100 -23.87 15.83 -47.07
N MET B 101 -24.26 14.79 -46.36
CA MET B 101 -24.87 13.62 -46.99
C MET B 101 -26.19 13.99 -47.64
N SER B 102 -26.87 14.97 -47.05
CA SER B 102 -28.18 15.38 -47.54
C SER B 102 -28.06 16.26 -48.80
N GLY B 103 -26.94 16.95 -48.93
CA GLY B 103 -26.67 17.72 -50.13
C GLY B 103 -26.74 19.22 -49.87
N LYS B 104 -27.04 19.59 -48.63
CA LYS B 104 -27.15 21.00 -48.28
C LYS B 104 -25.78 21.62 -48.09
N CYS B 105 -25.59 22.81 -48.67
CA CYS B 105 -24.42 23.63 -48.41
C CYS B 105 -24.73 25.06 -48.84
N LYS B 106 -25.28 25.83 -47.91
CA LYS B 106 -25.75 27.19 -48.21
C LYS B 106 -24.62 28.16 -48.56
N GLU B 107 -23.40 27.88 -48.10
CA GLU B 107 -22.24 28.73 -48.38
C GLU B 107 -21.67 28.50 -49.78
N LYS B 108 -21.73 27.26 -50.24
CA LYS B 108 -21.22 26.91 -51.56
C LYS B 108 -22.17 25.95 -52.27
N PRO B 109 -23.40 26.41 -52.62
CA PRO B 109 -24.43 25.52 -53.18
C PRO B 109 -24.04 24.99 -54.55
N GLU B 110 -23.28 25.78 -55.30
CA GLU B 110 -22.84 25.39 -56.63
C GLU B 110 -21.85 24.24 -56.59
N LEU B 111 -20.87 24.33 -55.71
CA LEU B 111 -19.91 23.24 -55.51
C LEU B 111 -20.61 21.96 -55.04
N ALA B 112 -21.61 22.09 -54.18
CA ALA B 112 -22.31 20.91 -53.66
C ALA B 112 -23.16 20.22 -54.74
N ALA B 113 -23.48 20.94 -55.81
CA ALA B 113 -24.38 20.41 -56.82
C ALA B 113 -23.65 19.75 -57.99
N ILE B 114 -22.33 19.91 -58.06
CA ILE B 114 -21.58 19.33 -59.16
C ILE B 114 -20.57 18.24 -58.74
N LYS B 115 -20.00 17.56 -59.72
CA LYS B 115 -18.93 16.59 -59.50
C LYS B 115 -17.62 17.31 -59.17
N LEU B 116 -16.98 16.89 -58.08
CA LEU B 116 -15.69 17.47 -57.68
C LEU B 116 -14.61 16.41 -57.76
N PRO B 117 -13.36 16.84 -58.01
CA PRO B 117 -12.25 15.87 -57.99
C PRO B 117 -11.93 15.51 -56.56
N LEU B 118 -12.18 14.25 -56.19
CA LEU B 118 -12.06 13.82 -54.80
C LEU B 118 -11.30 12.51 -54.60
N LYS B 119 -10.66 12.39 -53.43
CA LYS B 119 -9.95 11.18 -53.06
C LYS B 119 -10.32 10.80 -51.64
N ALA B 120 -10.61 9.52 -51.44
CA ALA B 120 -10.91 9.01 -50.12
C ALA B 120 -10.04 7.81 -49.78
N LYS B 121 -9.75 7.64 -48.49
CA LYS B 121 -8.98 6.50 -48.04
C LYS B 121 -9.71 5.87 -46.85
N ILE B 122 -10.00 4.58 -46.98
CA ILE B 122 -10.63 3.78 -45.94
C ILE B 122 -9.65 2.69 -45.46
N MET B 123 -9.21 2.80 -44.22
CA MET B 123 -8.24 1.85 -43.68
C MET B 123 -8.84 0.63 -43.02
N MET B 124 -8.14 -0.48 -43.16
CA MET B 124 -8.45 -1.69 -42.41
C MET B 124 -9.92 -2.10 -42.55
N LEU B 125 -10.39 -2.19 -43.78
CA LEU B 125 -11.69 -2.75 -44.07
C LEU B 125 -11.58 -4.27 -44.06
N PRO B 126 -12.24 -4.93 -43.09
CA PRO B 126 -12.21 -6.41 -43.10
C PRO B 126 -13.09 -6.96 -44.20
N CYS B 127 -12.55 -7.79 -45.08
CA CYS B 127 -13.34 -8.33 -46.16
C CYS B 127 -13.07 -9.80 -46.42
N LYS B 128 -14.02 -10.66 -46.07
CA LYS B 128 -13.86 -12.10 -46.26
C LYS B 128 -13.76 -12.51 -47.73
N GLY B 129 -14.42 -11.77 -48.60
CA GLY B 129 -14.43 -12.11 -50.02
C GLY B 129 -13.23 -11.59 -50.80
N GLY B 130 -12.31 -10.91 -50.13
CA GLY B 130 -11.10 -10.41 -50.76
C GLY B 130 -11.27 -9.17 -51.61
N GLU B 131 -10.22 -8.85 -52.37
CA GLU B 131 -10.17 -7.66 -53.21
C GLU B 131 -11.34 -7.62 -54.18
N GLU B 132 -11.69 -8.79 -54.71
CA GLU B 132 -12.73 -8.89 -55.72
C GLU B 132 -14.04 -8.19 -55.33
N ILE B 133 -14.47 -8.39 -54.08
CA ILE B 133 -15.73 -7.82 -53.62
C ILE B 133 -15.67 -6.29 -53.60
N ILE B 134 -14.54 -5.77 -53.13
CA ILE B 134 -14.32 -4.34 -53.08
C ILE B 134 -14.43 -3.68 -54.48
N TYR B 135 -13.77 -4.28 -55.48
CA TYR B 135 -13.87 -3.77 -56.85
C TYR B 135 -15.29 -3.84 -57.38
N ARG B 136 -15.97 -4.95 -57.14
CA ARG B 136 -17.34 -5.11 -57.62
C ARG B 136 -18.29 -4.10 -57.00
N LEU B 137 -17.94 -3.60 -55.81
CA LEU B 137 -18.82 -2.66 -55.12
C LEU B 137 -18.58 -1.20 -55.51
N PHE B 138 -17.32 -0.84 -55.72
CA PHE B 138 -16.98 0.57 -55.91
C PHE B 138 -16.72 0.96 -57.35
N GLU B 139 -16.10 0.07 -58.13
CA GLU B 139 -15.86 0.39 -59.54
C GLU B 139 -17.10 0.81 -60.35
N PRO B 140 -18.26 0.13 -60.17
CA PRO B 140 -19.43 0.51 -60.99
C PRO B 140 -20.03 1.87 -60.64
N LEU B 141 -19.57 2.46 -59.54
CA LEU B 141 -19.98 3.79 -59.16
C LEU B 141 -19.01 4.78 -59.78
N GLY B 142 -18.03 4.27 -60.51
CA GLY B 142 -17.13 5.09 -61.29
C GLY B 142 -15.81 5.46 -60.65
N TYR B 143 -15.50 4.89 -59.47
CA TYR B 143 -14.24 5.24 -58.83
C TYR B 143 -13.05 4.54 -59.46
N LYS B 144 -11.89 5.16 -59.36
CA LYS B 144 -10.64 4.47 -59.59
C LYS B 144 -10.27 3.91 -58.22
N VAL B 145 -10.13 2.58 -58.13
CA VAL B 145 -10.02 1.91 -56.84
C VAL B 145 -8.67 1.25 -56.60
N ASP B 146 -7.98 1.67 -55.54
CA ASP B 146 -6.73 1.01 -55.19
C ASP B 146 -6.89 0.25 -53.87
N VAL B 147 -6.37 -0.98 -53.85
CA VAL B 147 -6.47 -1.86 -52.68
C VAL B 147 -5.08 -2.35 -52.28
N GLU B 148 -4.76 -2.23 -51.00
CA GLU B 148 -3.55 -2.87 -50.52
C GLU B 148 -3.89 -3.77 -49.32
N GLY B 149 -3.15 -4.86 -49.18
CA GLY B 149 -3.40 -5.87 -48.16
C GLY B 149 -2.26 -6.04 -47.16
N TYR B 150 -2.43 -6.95 -46.20
CA TYR B 150 -1.46 -7.10 -45.12
C TYR B 150 -1.28 -8.55 -44.67
N MET B 151 -0.05 -8.91 -44.32
CA MET B 151 0.19 -10.17 -43.61
C MET B 151 -0.20 -10.02 -42.16
N LEU B 152 -0.61 -11.12 -41.52
CA LEU B 152 -0.97 -11.10 -40.10
C LEU B 152 0.19 -10.70 -39.23
N ASP B 153 1.37 -11.22 -39.52
CA ASP B 153 2.55 -10.90 -38.73
C ASP B 153 3.79 -11.18 -39.55
N GLU B 154 4.52 -10.12 -39.86
CA GLU B 154 5.72 -10.21 -40.68
C GLU B 154 6.83 -11.07 -40.03
N LYS B 155 6.78 -11.28 -38.72
CA LYS B 155 7.74 -12.21 -38.11
C LYS B 155 7.29 -13.66 -38.23
N PHE B 156 6.04 -13.86 -38.61
CA PHE B 156 5.48 -15.19 -38.83
C PHE B 156 4.71 -15.33 -40.16
N PRO B 157 5.44 -15.24 -41.29
CA PRO B 157 4.80 -15.28 -42.60
C PRO B 157 4.00 -16.57 -42.84
N GLU B 158 4.37 -17.63 -42.13
CA GLU B 158 3.64 -18.89 -42.17
C GLU B 158 2.18 -18.78 -41.66
N TRP B 159 1.88 -17.79 -40.85
CA TRP B 159 0.48 -17.59 -40.43
C TRP B 159 -0.38 -17.08 -41.57
N GLY B 160 0.27 -16.61 -42.64
CA GLY B 160 -0.43 -16.15 -43.82
C GLY B 160 -0.95 -14.71 -43.78
N LYS B 161 -1.83 -14.37 -44.71
CA LYS B 161 -2.27 -12.99 -44.87
C LYS B 161 -3.57 -12.68 -44.12
N SER B 162 -3.73 -11.43 -43.69
CA SER B 162 -4.94 -10.99 -43.02
C SER B 162 -6.09 -10.84 -44.02
N ARG B 163 -7.29 -10.63 -43.50
CA ARG B 163 -8.42 -10.29 -44.35
C ARG B 163 -8.71 -8.79 -44.35
N TYR B 164 -7.69 -7.99 -44.02
CA TYR B 164 -7.81 -6.54 -44.00
C TYR B 164 -7.29 -5.88 -45.27
N TYR B 165 -8.01 -4.87 -45.74
CA TYR B 165 -7.62 -4.13 -46.92
C TYR B 165 -7.79 -2.63 -46.71
N THR B 166 -6.77 -1.88 -47.10
CA THR B 166 -6.89 -0.44 -47.09
C THR B 166 -7.21 0.01 -48.50
N VAL B 167 -8.35 0.70 -48.66
CA VAL B 167 -8.91 1.03 -49.96
C VAL B 167 -8.80 2.52 -50.30
N SER B 168 -8.31 2.81 -51.51
CA SER B 168 -8.23 4.18 -52.00
C SER B 168 -9.22 4.42 -53.14
N LEU B 169 -10.02 5.47 -53.01
CA LEU B 169 -10.98 5.84 -54.03
C LEU B 169 -10.66 7.21 -54.60
N GLU B 170 -10.81 7.34 -55.90
CA GLU B 170 -10.52 8.59 -56.55
C GLU B 170 -11.52 8.76 -57.68
N GLY B 171 -12.10 9.94 -57.78
CA GLY B 171 -13.05 10.17 -58.85
C GLY B 171 -13.65 11.55 -58.86
N GLU B 172 -14.44 11.80 -59.89
CA GLU B 172 -15.20 13.04 -60.00
C GLU B 172 -16.64 12.74 -59.62
N VAL B 173 -17.05 13.23 -58.46
CA VAL B 173 -18.30 12.80 -57.87
C VAL B 173 -18.79 13.92 -56.97
N ARG B 174 -20.11 14.00 -56.75
CA ARG B 174 -20.62 14.95 -55.77
C ARG B 174 -20.24 14.51 -54.36
N VAL B 175 -19.96 15.46 -53.49
CA VAL B 175 -19.64 15.17 -52.09
C VAL B 175 -20.66 14.26 -51.42
N ARG B 176 -21.94 14.54 -51.65
CA ARG B 176 -23.02 13.78 -51.04
C ARG B 176 -23.04 12.34 -51.54
N ASP B 177 -22.61 12.13 -52.78
CA ASP B 177 -22.57 10.79 -53.35
C ASP B 177 -21.41 10.01 -52.80
N LEU B 178 -20.28 10.66 -52.64
CA LEU B 178 -19.11 10.02 -52.07
C LEU B 178 -19.42 9.55 -50.65
N LEU B 179 -20.01 10.45 -49.86
CA LEU B 179 -20.39 10.11 -48.49
C LEU B 179 -21.43 8.99 -48.45
N ASN B 180 -22.49 9.11 -49.25
CA ASN B 180 -23.53 8.08 -49.27
C ASN B 180 -22.97 6.71 -49.65
N HIS B 181 -22.14 6.67 -50.69
CA HIS B 181 -21.57 5.42 -51.19
C HIS B 181 -20.79 4.68 -50.14
N ILE B 182 -19.99 5.41 -49.38
CA ILE B 182 -19.15 4.83 -48.34
C ILE B 182 -20.02 4.42 -47.15
N TYR B 183 -21.01 5.25 -46.86
CA TYR B 183 -21.91 5.03 -45.73
C TYR B 183 -22.65 3.72 -45.91
N VAL B 184 -23.14 3.48 -47.11
CA VAL B 184 -23.95 2.31 -47.39
C VAL B 184 -23.12 1.08 -47.71
N LEU B 185 -21.96 1.27 -48.34
CA LEU B 185 -21.19 0.11 -48.81
C LEU B 185 -20.29 -0.53 -47.75
N ILE B 186 -19.76 0.26 -46.82
CA ILE B 186 -18.95 -0.28 -45.73
C ILE B 186 -19.60 -1.43 -44.94
N PRO B 187 -20.90 -1.30 -44.54
CA PRO B 187 -21.48 -2.40 -43.79
C PRO B 187 -21.70 -3.68 -44.62
N VAL B 188 -21.73 -3.57 -45.94
CA VAL B 188 -21.87 -4.75 -46.80
C VAL B 188 -20.74 -5.74 -46.53
N LEU B 189 -19.58 -5.22 -46.16
CA LEU B 189 -18.40 -6.03 -45.87
C LEU B 189 -18.34 -6.50 -44.42
N ASP B 190 -19.14 -5.88 -43.56
CA ASP B 190 -19.15 -6.20 -42.12
C ASP B 190 -19.98 -7.42 -41.78
N SER B 191 -19.37 -8.61 -41.84
CA SER B 191 -20.06 -9.87 -41.56
C SER B 191 -20.56 -10.01 -40.11
N GLU B 192 -20.03 -9.21 -39.19
CA GLU B 192 -20.48 -9.29 -37.80
C GLU B 192 -21.22 -8.05 -37.30
N LYS B 193 -21.92 -7.35 -38.18
CA LYS B 193 -22.62 -6.12 -37.77
C LYS B 193 -23.85 -6.42 -36.92
N HIS B 194 -24.60 -7.46 -37.29
CA HIS B 194 -25.85 -7.81 -36.60
C HIS B 194 -25.54 -8.26 -35.18
N TYR B 195 -24.25 -8.48 -34.91
CA TYR B 195 -23.77 -8.82 -33.60
C TYR B 195 -23.52 -7.57 -32.74
N TRP B 196 -22.88 -6.55 -33.32
CA TRP B 196 -22.44 -5.40 -32.52
C TRP B 196 -23.45 -4.25 -32.40
N VAL B 197 -24.56 -4.35 -33.12
CA VAL B 197 -25.64 -3.36 -33.02
C VAL B 197 -27.05 -3.95 -33.17
N GLY B 198 -27.28 -4.68 -34.26
CA GLY B 198 -28.51 -5.43 -34.44
C GLY B 198 -29.81 -4.69 -34.73
N GLU B 199 -30.29 -4.81 -35.97
CA GLU B 199 -31.66 -4.46 -36.36
C GLU B 199 -32.03 -2.97 -36.44
N ASP B 200 -31.98 -2.27 -35.30
CA ASP B 200 -32.41 -0.88 -35.24
C ASP B 200 -31.62 0.02 -36.20
N GLU B 201 -30.31 0.06 -36.02
CA GLU B 201 -29.44 0.90 -36.81
C GLU B 201 -29.17 0.32 -38.20
N ILE B 202 -29.18 -1.00 -38.30
CA ILE B 202 -28.92 -1.67 -39.58
C ILE B 202 -29.99 -1.33 -40.62
N ASP B 203 -31.24 -1.27 -40.17
CA ASP B 203 -32.34 -0.86 -41.03
C ASP B 203 -32.16 0.59 -41.44
N LYS B 204 -31.80 1.44 -40.48
CA LYS B 204 -31.56 2.85 -40.72
C LYS B 204 -30.56 3.09 -41.85
N LEU B 205 -29.46 2.34 -41.85
CA LEU B 205 -28.45 2.52 -42.88
C LEU B 205 -28.58 1.56 -44.07
N PHE B 206 -29.81 1.21 -44.42
CA PHE B 206 -30.07 0.54 -45.69
C PHE B 206 -31.10 1.35 -46.46
N GLN B 207 -31.83 2.18 -45.72
CA GLN B 207 -32.81 3.08 -46.31
C GLN B 207 -32.11 4.10 -47.20
N HIS B 208 -30.84 4.36 -46.92
CA HIS B 208 -30.07 5.40 -47.61
C HIS B 208 -29.69 5.04 -49.06
N GLY B 209 -29.93 3.80 -49.45
CA GLY B 209 -29.59 3.35 -50.79
C GLY B 209 -30.64 3.72 -51.82
N GLU B 210 -31.82 4.11 -51.34
CA GLU B 210 -33.00 4.49 -52.13
C GLU B 210 -32.83 5.14 -53.51
N GLY B 211 -31.78 4.79 -54.24
CA GLY B 211 -31.55 5.42 -55.53
C GLY B 211 -30.58 4.65 -56.38
N TRP B 212 -29.30 5.01 -56.28
CA TRP B 212 -28.23 4.37 -57.04
C TRP B 212 -28.17 2.87 -56.75
N LEU B 213 -28.69 2.48 -55.59
CA LEU B 213 -28.60 1.11 -55.13
C LEU B 213 -29.49 0.21 -55.98
N VAL B 214 -30.66 0.73 -56.35
CA VAL B 214 -31.59 -0.02 -57.17
C VAL B 214 -31.01 -0.23 -58.56
N ASP B 215 -30.04 0.61 -58.91
CA ASP B 215 -29.38 0.53 -60.21
C ASP B 215 -27.99 -0.10 -60.12
N HIS B 216 -27.50 -0.36 -58.90
CA HIS B 216 -26.20 -0.99 -58.76
C HIS B 216 -26.24 -2.42 -59.26
N PRO B 217 -25.30 -2.78 -60.14
CA PRO B 217 -25.19 -4.14 -60.70
C PRO B 217 -25.05 -5.26 -59.64
N GLU B 218 -24.68 -4.90 -58.41
CA GLU B 218 -24.53 -5.86 -57.31
C GLU B 218 -25.64 -5.76 -56.27
N LYS B 219 -26.79 -5.25 -56.70
CA LYS B 219 -27.97 -5.13 -55.85
C LYS B 219 -28.28 -6.41 -55.04
N GLU B 220 -28.24 -7.57 -55.68
CA GLU B 220 -28.45 -8.85 -54.99
C GLU B 220 -27.46 -9.06 -53.86
N LEU B 221 -26.18 -8.99 -54.20
CA LEU B 221 -25.10 -9.17 -53.23
C LEU B 221 -25.28 -8.21 -52.05
N ILE B 222 -25.53 -6.94 -52.36
CA ILE B 222 -25.71 -5.92 -51.33
C ILE B 222 -26.93 -6.19 -50.45
N THR B 223 -28.06 -6.50 -51.07
CA THR B 223 -29.28 -6.74 -50.30
C THR B 223 -29.15 -8.03 -49.48
N GLY B 224 -28.43 -9.01 -50.02
CA GLY B 224 -28.14 -10.24 -49.31
C GLY B 224 -27.37 -10.05 -48.00
N ARG B 225 -26.22 -9.38 -48.09
CA ARG B 225 -25.38 -9.15 -46.91
C ARG B 225 -26.07 -8.38 -45.77
N TYR B 226 -27.22 -7.76 -46.06
CA TYR B 226 -27.98 -7.04 -45.04
C TYR B 226 -29.00 -7.92 -44.33
N GLY C 10 38.74 25.64 30.93
CA GLY C 10 39.69 24.57 30.66
C GLY C 10 39.14 23.18 30.99
N LYS C 11 39.91 22.13 30.71
CA LYS C 11 39.45 20.77 30.96
C LYS C 11 39.63 20.32 32.42
N LYS C 12 38.75 19.42 32.85
CA LYS C 12 38.70 18.99 34.24
C LYS C 12 38.78 17.46 34.40
N ILE C 13 39.84 16.96 35.02
CA ILE C 13 39.98 15.51 35.23
C ILE C 13 39.65 15.12 36.67
N ILE C 14 38.65 14.26 36.85
CA ILE C 14 38.32 13.79 38.18
C ILE C 14 38.74 12.33 38.38
N THR C 15 39.19 12.00 39.59
CA THR C 15 39.59 10.66 39.94
C THR C 15 38.58 10.02 40.88
N THR C 16 38.04 8.86 40.52
CA THR C 16 37.15 8.15 41.42
C THR C 16 37.63 6.73 41.66
N ARG C 17 37.16 6.14 42.76
CA ARG C 17 37.57 4.80 43.15
C ARG C 17 37.14 3.76 42.11
N LEU C 18 35.99 3.99 41.48
CA LEU C 18 35.44 3.00 40.55
C LEU C 18 35.99 3.19 39.14
N MET C 19 36.35 4.43 38.79
CA MET C 19 36.94 4.81 37.50
C MET C 19 37.99 5.89 37.77
N SER C 20 39.24 5.61 37.46
CA SER C 20 40.32 6.50 37.91
C SER C 20 40.47 7.76 37.09
N SER C 21 39.83 7.77 35.91
CA SER C 21 39.83 8.95 35.07
C SER C 21 38.45 9.24 34.46
N ILE C 22 37.90 10.40 34.80
CA ILE C 22 36.67 10.92 34.18
C ILE C 22 36.88 12.39 33.78
N THR C 23 36.68 12.69 32.51
CA THR C 23 36.93 14.03 32.05
C THR C 23 35.65 14.84 32.03
N ILE C 24 35.73 16.05 32.54
CA ILE C 24 34.66 17.03 32.37
C ILE C 24 35.14 18.12 31.40
N HIS C 25 34.56 18.14 30.21
CA HIS C 25 34.90 19.11 29.17
C HIS C 25 34.41 20.54 29.47
N GLU C 26 35.00 21.50 28.77
CA GLU C 26 34.69 22.92 28.98
C GLU C 26 33.22 23.26 28.80
N GLU C 27 32.62 22.77 27.72
CA GLU C 27 31.23 23.07 27.39
C GLU C 27 30.32 22.63 28.52
N ASN C 28 30.57 21.43 29.00
CA ASN C 28 29.74 20.84 30.03
C ASN C 28 29.90 21.57 31.36
N SER C 29 31.12 21.99 31.69
CA SER C 29 31.35 22.68 32.95
C SER C 29 30.62 24.03 33.01
N ILE C 30 30.56 24.72 31.87
CA ILE C 30 29.89 26.01 31.84
C ILE C 30 28.37 25.86 31.90
N ALA C 31 27.85 24.81 31.25
CA ALA C 31 26.41 24.56 31.27
C ALA C 31 25.95 24.18 32.69
N ALA C 32 26.82 23.48 33.42
CA ALA C 32 26.53 23.09 34.79
C ALA C 32 26.61 24.30 35.72
N LEU C 33 27.58 25.17 35.46
CA LEU C 33 27.83 26.31 36.33
C LEU C 33 26.62 27.23 36.35
N GLU C 34 25.96 27.32 35.20
CA GLU C 34 24.77 28.11 35.05
C GLU C 34 23.71 27.67 36.07
N VAL C 35 23.22 26.44 35.90
CA VAL C 35 22.14 25.93 36.74
C VAL C 35 22.56 25.79 38.20
N MET C 36 23.85 25.61 38.43
CA MET C 36 24.36 25.39 39.79
C MET C 36 24.41 26.67 40.61
N SER C 37 24.68 27.80 39.96
CA SER C 37 24.82 29.06 40.68
C SER C 37 23.54 29.90 40.70
N ARG C 38 22.63 29.61 39.80
CA ARG C 38 21.41 30.42 39.72
C ARG C 38 20.24 29.84 40.52
N PHE C 39 20.13 28.53 40.59
CA PHE C 39 18.92 27.92 41.15
C PHE C 39 19.14 26.85 42.23
N ALA C 40 20.38 26.41 42.39
CA ALA C 40 20.64 25.29 43.31
C ALA C 40 20.53 25.67 44.79
N ALA C 41 20.21 24.68 45.61
CA ALA C 41 20.25 24.81 47.06
C ALA C 41 21.67 25.08 47.58
N ASP C 42 21.76 25.37 48.88
CA ASP C 42 23.04 25.50 49.57
C ASP C 42 23.96 24.31 49.26
N PRO C 43 25.12 24.58 48.65
CA PRO C 43 26.05 23.49 48.32
C PRO C 43 26.51 22.66 49.54
N HIS C 44 26.32 23.16 50.76
CA HIS C 44 26.59 22.36 51.95
C HIS C 44 25.68 21.12 52.10
N TRP C 45 24.48 21.18 51.54
CA TRP C 45 23.60 20.02 51.54
C TRP C 45 23.87 19.08 50.36
N LEU C 46 24.55 19.56 49.32
CA LEU C 46 24.68 18.78 48.09
C LEU C 46 25.82 17.78 48.12
N ILE C 47 25.56 16.64 48.76
CA ILE C 47 26.60 15.65 48.94
C ILE C 47 26.50 14.55 47.88
N TYR C 48 25.53 14.69 46.99
CA TYR C 48 25.22 13.64 46.04
C TYR C 48 24.22 14.12 45.01
N LEU C 49 24.44 13.71 43.78
CA LEU C 49 23.46 13.84 42.73
C LEU C 49 23.31 12.47 42.10
N PRO C 50 22.05 12.06 41.83
CA PRO C 50 21.76 10.74 41.26
C PRO C 50 22.19 10.68 39.79
N PRO C 51 22.48 9.48 39.29
CA PRO C 51 22.95 9.40 37.91
C PRO C 51 21.79 9.20 36.94
N THR C 52 22.03 9.45 35.65
CA THR C 52 21.07 9.04 34.62
C THR C 52 21.11 7.51 34.51
N MET C 53 20.11 6.93 33.84
CA MET C 53 19.93 5.48 33.81
C MET C 53 19.72 4.95 32.39
N SER C 54 20.26 3.78 32.07
CA SER C 54 20.13 3.26 30.72
C SER C 54 19.01 2.23 30.57
N PRO C 55 18.40 2.19 29.36
CA PRO C 55 17.46 1.10 29.08
C PRO C 55 18.19 -0.10 28.49
N CYS C 56 17.44 -1.15 28.26
CA CYS C 56 17.96 -2.40 27.75
C CYS C 56 18.06 -2.35 26.23
N GLU C 57 18.57 -3.44 25.65
CA GLU C 57 18.50 -3.67 24.22
C GLU C 57 17.03 -3.75 23.84
N THR C 58 16.69 -3.41 22.60
CA THR C 58 15.30 -3.52 22.18
C THR C 58 14.88 -4.99 22.13
N SER C 59 13.59 -5.24 22.31
CA SER C 59 13.05 -6.59 22.26
C SER C 59 12.83 -7.04 20.81
N LYS C 60 12.69 -8.34 20.62
CA LYS C 60 12.30 -8.87 19.31
C LYS C 60 10.82 -9.21 19.31
N LYS C 61 10.35 -9.69 20.46
CA LYS C 61 8.96 -10.11 20.67
C LYS C 61 7.97 -9.16 20.00
N GLU C 62 7.00 -9.74 19.30
CA GLU C 62 6.06 -9.01 18.44
C GLU C 62 5.44 -7.78 19.07
N GLY C 63 5.62 -6.63 18.42
CA GLY C 63 5.01 -5.39 18.86
C GLY C 63 5.48 -4.86 20.20
N MET C 64 6.69 -5.28 20.61
CA MET C 64 7.29 -4.85 21.87
C MET C 64 8.62 -4.15 21.60
N LEU C 65 8.83 -3.02 22.26
CA LEU C 65 10.11 -2.34 22.18
C LEU C 65 11.02 -2.72 23.36
N GLU C 66 10.49 -2.67 24.59
CA GLU C 66 11.25 -3.10 25.76
C GLU C 66 10.57 -4.29 26.43
N HIS C 67 11.37 -5.20 26.99
CA HIS C 67 10.87 -6.45 27.58
C HIS C 67 11.91 -7.00 28.58
N PRO C 68 11.47 -7.59 29.70
CA PRO C 68 12.35 -8.08 30.78
C PRO C 68 13.52 -8.97 30.35
N ILE C 69 13.26 -9.85 29.38
CA ILE C 69 14.27 -10.79 28.89
C ILE C 69 15.65 -10.17 28.58
N GLU C 70 15.64 -9.03 27.89
CA GLU C 70 16.89 -8.39 27.49
C GLU C 70 17.68 -7.82 28.67
N ALA C 71 16.96 -7.28 29.64
CA ALA C 71 17.59 -6.77 30.85
C ALA C 71 18.14 -7.92 31.69
N PHE C 72 17.39 -9.01 31.79
CA PHE C 72 17.85 -10.22 32.47
C PHE C 72 19.12 -10.71 31.79
N GLU C 73 19.11 -10.73 30.46
CA GLU C 73 20.26 -11.21 29.71
C GLU C 73 21.46 -10.28 29.83
N TYR C 74 21.23 -8.99 29.98
CA TYR C 74 22.36 -8.11 30.20
C TYR C 74 23.22 -8.57 31.37
N PHE C 75 22.59 -8.92 32.49
CA PHE C 75 23.32 -9.32 33.68
C PHE C 75 23.84 -10.76 33.59
N ARG C 76 23.00 -11.70 33.16
CA ARG C 76 23.42 -13.10 33.08
C ARG C 76 24.69 -13.30 32.25
N THR C 77 24.75 -12.66 31.08
CA THR C 77 25.92 -12.76 30.20
C THR C 77 27.13 -12.01 30.74
N ARG C 78 26.99 -11.30 31.85
CA ARG C 78 28.13 -10.61 32.43
C ARG C 78 28.43 -11.15 33.81
N GLY C 79 27.89 -12.32 34.11
CA GLY C 79 28.27 -13.05 35.31
C GLY C 79 27.46 -12.78 36.57
N VAL C 80 26.38 -12.03 36.45
CA VAL C 80 25.56 -11.70 37.60
C VAL C 80 24.37 -12.65 37.62
N GLY C 81 24.31 -13.52 38.64
CA GLY C 81 23.27 -14.53 38.71
C GLY C 81 21.90 -14.06 39.19
N LYS C 82 21.90 -13.05 40.04
CA LYS C 82 20.65 -12.58 40.65
C LYS C 82 20.44 -11.08 40.45
N VAL C 83 19.20 -10.71 40.11
CA VAL C 83 18.81 -9.32 40.02
C VAL C 83 17.61 -8.98 40.91
N VAL C 84 17.52 -7.72 41.33
CA VAL C 84 16.34 -7.27 42.04
C VAL C 84 15.53 -6.38 41.12
N CYS C 85 14.28 -6.77 40.87
CA CYS C 85 13.37 -5.94 40.09
C CYS C 85 12.54 -5.10 41.02
N GLU C 86 12.57 -3.78 40.82
CA GLU C 86 11.77 -2.84 41.59
C GLU C 86 10.84 -2.04 40.69
N GLN C 87 9.60 -1.86 41.14
CA GLN C 87 8.68 -0.97 40.42
C GLN C 87 9.36 0.36 40.13
N LYS C 88 9.29 0.79 38.87
CA LYS C 88 9.77 2.11 38.50
C LYS C 88 8.64 3.11 38.81
N HIS C 89 8.73 3.80 39.94
CA HIS C 89 7.72 4.78 40.29
C HIS C 89 7.82 5.95 39.34
N MET C 90 6.68 6.46 38.90
CA MET C 90 6.66 7.53 37.91
C MET C 90 6.47 8.87 38.62
N GLY C 91 7.57 9.48 39.04
CA GLY C 91 7.51 10.78 39.72
C GLY C 91 8.69 11.66 39.38
N SER C 92 9.33 12.20 40.40
CA SER C 92 10.56 12.94 40.20
C SER C 92 11.55 12.46 41.24
N ARG C 93 12.78 12.13 40.82
CA ARG C 93 13.84 11.75 41.74
C ARG C 93 14.04 12.82 42.82
N ALA C 94 14.11 12.40 44.07
CA ALA C 94 14.27 13.35 45.18
C ALA C 94 15.31 12.84 46.18
N VAL C 95 16.34 13.64 46.42
CA VAL C 95 17.32 13.28 47.41
C VAL C 95 16.90 13.88 48.75
N VAL C 96 16.69 13.01 49.74
CA VAL C 96 16.15 13.43 51.03
C VAL C 96 17.14 13.26 52.17
N ILE C 97 17.62 14.37 52.72
CA ILE C 97 18.55 14.33 53.85
C ILE C 97 17.87 14.78 55.13
N VAL C 98 17.90 13.94 56.16
CA VAL C 98 17.28 14.28 57.45
C VAL C 98 18.31 14.30 58.58
N CYS C 99 18.40 15.42 59.28
CA CYS C 99 19.18 15.50 60.52
C CYS C 99 18.24 15.47 61.71
N LYS C 100 18.72 15.02 62.87
CA LYS C 100 17.90 14.96 64.08
C LYS C 100 17.45 16.35 64.52
N ASP C 101 18.30 17.36 64.27
CA ASP C 101 17.95 18.74 64.60
C ASP C 101 18.87 19.71 63.88
N SER C 102 18.65 20.99 64.10
CA SER C 102 19.37 22.04 63.39
C SER C 102 20.83 22.17 63.81
N GLN C 103 21.15 21.69 65.00
CA GLN C 103 22.52 21.72 65.50
C GLN C 103 23.39 20.66 64.82
N VAL C 104 22.79 19.49 64.55
CA VAL C 104 23.42 18.44 63.75
C VAL C 104 23.74 18.93 62.32
N ALA C 105 22.76 19.55 61.66
CA ALA C 105 22.99 20.11 60.33
C ALA C 105 24.15 21.11 60.32
N GLU C 106 24.23 21.96 61.34
CA GLU C 106 25.25 23.01 61.35
C GLU C 106 26.63 22.39 61.57
N LYS C 107 26.69 21.45 62.49
CA LYS C 107 27.95 20.84 62.87
C LYS C 107 28.49 19.92 61.76
N ARG C 108 27.71 18.90 61.43
CA ARG C 108 28.07 17.95 60.40
C ARG C 108 28.16 18.53 58.98
N PHE C 109 27.20 19.38 58.60
CA PHE C 109 27.12 19.84 57.20
C PHE C 109 27.66 21.24 56.98
N GLY C 110 27.70 22.06 58.03
CA GLY C 110 28.13 23.44 57.86
C GLY C 110 27.00 24.35 57.37
N VAL C 111 25.77 23.84 57.37
CA VAL C 111 24.61 24.63 56.96
C VAL C 111 24.24 25.69 58.02
N LEU C 112 24.03 26.91 57.56
CA LEU C 112 23.88 28.06 58.46
C LEU C 112 22.49 28.66 58.54
N ASP C 113 21.57 28.23 57.68
CA ASP C 113 20.25 28.87 57.59
C ASP C 113 19.23 28.32 58.60
N GLY C 114 19.69 27.45 59.50
CA GLY C 114 18.85 26.92 60.56
C GLY C 114 17.96 25.73 60.21
N THR C 115 18.11 25.19 59.01
CA THR C 115 17.28 24.06 58.60
C THR C 115 17.84 22.73 59.13
N ALA C 116 17.01 21.70 59.19
CA ALA C 116 17.47 20.42 59.74
C ALA C 116 17.30 19.31 58.71
N GLY C 117 17.15 19.71 57.46
CA GLY C 117 16.94 18.76 56.39
C GLY C 117 16.69 19.43 55.05
N ILE C 118 16.67 18.62 54.01
CA ILE C 118 16.44 19.10 52.65
C ILE C 118 15.88 17.98 51.75
N CYS C 119 15.03 18.38 50.80
CA CYS C 119 14.60 17.51 49.73
C CYS C 119 14.98 18.21 48.43
N TYR C 120 15.91 17.65 47.68
CA TYR C 120 16.28 18.26 46.41
C TYR C 120 16.18 17.33 45.18
N THR C 121 16.27 17.94 43.99
CA THR C 121 16.06 17.26 42.72
C THR C 121 17.37 16.80 42.09
N ARG C 122 17.27 16.12 40.96
CA ARG C 122 18.44 15.61 40.23
C ARG C 122 19.34 16.73 39.72
N THR C 123 18.84 17.96 39.65
CA THR C 123 19.68 19.09 39.26
C THR C 123 20.21 19.83 40.49
N GLY C 124 19.85 19.38 41.69
CA GLY C 124 20.26 20.06 42.90
C GLY C 124 19.47 21.28 43.35
N ARG C 125 18.21 21.40 42.92
CA ARG C 125 17.35 22.49 43.38
C ARG C 125 16.41 21.96 44.45
N HIS C 126 15.99 22.84 45.35
CA HIS C 126 14.90 22.51 46.26
C HIS C 126 13.73 21.96 45.46
N PHE C 127 13.18 20.85 45.92
CA PHE C 127 12.07 20.25 45.24
C PHE C 127 10.86 21.16 45.33
N PHE C 128 10.65 21.73 46.52
CA PHE C 128 9.50 22.59 46.79
C PHE C 128 9.87 24.06 46.73
N ASP C 129 9.03 24.86 46.07
CA ASP C 129 9.18 26.32 46.12
C ASP C 129 8.93 26.90 47.53
N ASP C 130 8.13 26.17 48.31
CA ASP C 130 7.77 26.57 49.67
C ASP C 130 8.57 25.77 50.72
N MET C 131 9.54 26.41 51.35
CA MET C 131 10.30 25.85 52.46
C MET C 131 9.49 25.15 53.57
N GLN C 132 8.36 25.73 53.95
CA GLN C 132 7.53 25.16 55.00
C GLN C 132 7.06 23.78 54.58
N LEU C 133 6.72 23.63 53.31
CA LEU C 133 6.24 22.35 52.80
C LEU C 133 7.39 21.34 52.82
N GLU C 134 8.59 21.80 52.50
CA GLU C 134 9.76 20.95 52.62
C GLU C 134 9.97 20.55 54.08
N ALA C 135 9.88 21.53 54.98
CA ALA C 135 10.20 21.26 56.38
C ALA C 135 9.17 20.30 56.94
N GLU C 136 7.94 20.44 56.47
CA GLU C 136 6.87 19.57 56.87
C GLU C 136 7.17 18.14 56.42
N LEU C 137 7.61 17.97 55.18
CA LEU C 137 7.94 16.64 54.66
C LEU C 137 9.11 16.04 55.44
N ILE C 138 10.14 16.85 55.67
CA ILE C 138 11.30 16.38 56.42
C ILE C 138 10.89 15.91 57.83
N ASP C 139 9.95 16.63 58.43
CA ASP C 139 9.50 16.28 59.77
C ASP C 139 8.72 14.96 59.83
N ARG C 140 7.90 14.70 58.82
CA ARG C 140 7.20 13.41 58.76
C ARG C 140 8.19 12.24 58.68
N VAL C 141 9.25 12.40 57.88
CA VAL C 141 10.30 11.39 57.82
C VAL C 141 11.05 11.29 59.16
N ARG C 142 11.34 12.42 59.79
CA ARG C 142 12.03 12.39 61.08
C ARG C 142 11.27 11.54 62.13
N LYS C 143 9.95 11.70 62.19
CA LYS C 143 9.13 10.95 63.15
C LYS C 143 9.09 9.45 62.92
N VAL C 144 9.02 9.03 61.67
CA VAL C 144 9.05 7.62 61.34
C VAL C 144 10.40 7.02 61.73
N LEU C 145 11.49 7.72 61.46
CA LEU C 145 12.79 7.23 61.89
C LEU C 145 12.85 7.21 63.41
N ASP C 146 12.33 8.25 64.04
CA ASP C 146 12.21 8.32 65.50
C ASP C 146 11.57 7.04 66.06
N LYS C 147 10.38 6.68 65.57
CA LYS C 147 9.67 5.55 66.16
C LYS C 147 10.20 4.17 65.78
N SER C 148 10.92 4.07 64.66
CA SER C 148 11.44 2.76 64.23
C SER C 148 12.76 2.43 64.93
N GLY C 149 13.34 3.42 65.59
CA GLY C 149 14.59 3.24 66.31
C GLY C 149 15.81 3.40 65.41
N PHE C 150 15.62 4.06 64.27
CA PHE C 150 16.67 4.13 63.25
C PHE C 150 17.98 4.76 63.72
N TRP C 151 17.89 5.90 64.40
CA TRP C 151 19.09 6.63 64.80
C TRP C 151 20.01 5.77 65.67
N GLY C 152 19.41 5.08 66.64
CA GLY C 152 20.15 4.20 67.51
C GLY C 152 20.76 3.00 66.79
N ASP C 153 19.96 2.31 65.98
CA ASP C 153 20.43 1.15 65.24
C ASP C 153 21.53 1.45 64.22
N PHE C 154 21.60 2.69 63.75
CA PHE C 154 22.62 3.03 62.76
C PHE C 154 23.67 3.97 63.33
N ASN C 155 23.57 4.23 64.62
CA ASN C 155 24.48 5.15 65.32
C ASN C 155 24.78 6.40 64.50
N THR C 156 23.72 7.10 64.12
CA THR C 156 23.87 8.28 63.29
C THR C 156 22.84 9.31 63.67
N ASP C 157 23.19 10.58 63.50
CA ASP C 157 22.22 11.65 63.69
C ASP C 157 21.80 12.29 62.37
N TRP C 158 22.11 11.62 61.26
CA TRP C 158 21.64 12.04 59.94
C TRP C 158 21.56 10.89 58.94
N VAL C 159 20.77 11.09 57.88
CA VAL C 159 20.60 10.09 56.85
C VAL C 159 20.29 10.72 55.49
N CYS C 160 20.81 10.12 54.44
CA CYS C 160 20.62 10.59 53.09
C CYS C 160 19.90 9.48 52.31
N LEU C 161 18.67 9.76 51.88
CA LEU C 161 17.86 8.77 51.16
C LEU C 161 17.71 9.14 49.68
N ASP C 162 17.61 8.12 48.84
CA ASP C 162 17.41 8.31 47.41
C ASP C 162 15.98 7.87 47.14
N CYS C 163 15.17 8.77 46.58
CA CYS C 163 13.75 8.50 46.44
C CYS C 163 13.11 8.93 45.13
N GLU C 164 11.85 8.53 44.98
CA GLU C 164 10.95 9.11 44.00
C GLU C 164 9.79 9.80 44.73
N LEU C 165 9.41 10.98 44.24
CA LEU C 165 8.30 11.73 44.85
C LEU C 165 7.16 11.86 43.86
N MET C 166 5.99 11.31 44.23
CA MET C 166 4.79 11.34 43.38
C MET C 166 3.76 12.36 43.92
N PRO C 167 2.88 12.85 43.04
CA PRO C 167 2.74 12.49 41.63
C PRO C 167 3.68 13.27 40.73
N TRP C 168 3.88 12.74 39.52
CA TRP C 168 4.64 13.37 38.45
C TRP C 168 4.14 14.78 38.17
N SER C 169 2.81 14.92 38.11
CA SER C 169 2.19 16.20 37.79
C SER C 169 2.53 17.30 38.80
N ALA C 170 3.04 16.93 39.98
CA ALA C 170 3.47 17.91 40.95
C ALA C 170 4.66 18.75 40.45
N LYS C 171 5.47 18.19 39.55
CA LYS C 171 6.62 18.93 39.01
C LYS C 171 6.53 19.18 37.50
N ALA C 172 5.68 18.43 36.83
CA ALA C 172 5.68 18.40 35.38
C ALA C 172 4.49 19.14 34.74
N GLN C 173 3.76 19.92 35.53
CA GLN C 173 2.53 20.55 35.04
C GLN C 173 2.71 21.42 33.79
N LYS C 174 3.81 22.15 33.72
CA LYS C 174 4.09 22.97 32.53
C LYS C 174 4.30 22.07 31.30
N LEU C 175 4.98 20.95 31.48
CA LEU C 175 5.12 19.97 30.41
C LEU C 175 3.77 19.36 29.98
N LEU C 176 2.94 19.01 30.97
CA LEU C 176 1.63 18.45 30.70
C LEU C 176 0.74 19.44 29.95
N GLU C 177 0.80 20.72 30.35
CA GLU C 177 -0.01 21.74 29.73
C GLU C 177 0.45 22.06 28.33
N GLU C 178 1.76 22.19 28.14
CA GLU C 178 2.27 22.72 26.88
C GLU C 178 2.60 21.64 25.88
N GLN C 179 2.82 20.42 26.34
CA GLN C 179 3.20 19.36 25.41
C GLN C 179 2.24 18.17 25.44
N TYR C 180 2.18 17.46 26.56
CA TYR C 180 1.43 16.21 26.61
C TYR C 180 -0.10 16.31 26.36
N SER C 181 -0.76 17.22 27.07
CA SER C 181 -2.20 17.37 26.89
C SER C 181 -2.56 18.11 25.60
N ALA C 182 -1.58 18.80 25.01
CA ALA C 182 -1.77 19.48 23.74
C ALA C 182 -1.86 18.45 22.62
N VAL C 183 -0.94 17.49 22.64
CA VAL C 183 -1.02 16.36 21.71
C VAL C 183 -2.31 15.58 21.92
N GLY C 184 -2.71 15.42 23.18
CA GLY C 184 -3.89 14.65 23.53
C GLY C 184 -5.22 15.21 23.08
N ILE C 185 -5.40 16.52 23.23
CA ILE C 185 -6.65 17.14 22.81
C ILE C 185 -6.72 17.23 21.29
N SER C 186 -5.63 17.71 20.66
CA SER C 186 -5.59 17.83 19.21
C SER C 186 -5.69 16.46 18.56
N GLY C 187 -4.96 15.50 19.10
CA GLY C 187 -5.03 14.13 18.60
C GLY C 187 -6.41 13.49 18.71
N ARG C 188 -7.07 13.62 19.87
CA ARG C 188 -8.32 12.92 20.04
C ARG C 188 -9.41 13.54 19.17
N VAL C 189 -9.34 14.85 19.00
CA VAL C 189 -10.37 15.55 18.26
C VAL C 189 -10.34 15.28 16.76
N VAL C 190 -9.17 15.40 16.14
CA VAL C 190 -9.11 15.23 14.69
C VAL C 190 -9.21 13.76 14.29
N LEU C 191 -8.67 12.88 15.11
CA LEU C 191 -8.69 11.46 14.79
C LEU C 191 -10.11 10.90 14.85
N ASP C 192 -10.90 11.35 15.82
CA ASP C 192 -12.31 10.96 15.90
C ASP C 192 -13.08 11.51 14.71
N GLU C 193 -12.76 12.74 14.32
CA GLU C 193 -13.46 13.34 13.21
C GLU C 193 -13.06 12.64 11.91
N ALA C 194 -11.81 12.20 11.83
CA ALA C 194 -11.33 11.49 10.66
C ALA C 194 -12.07 10.17 10.51
N VAL C 195 -12.21 9.45 11.61
CA VAL C 195 -12.93 8.18 11.60
C VAL C 195 -14.38 8.35 11.12
N LYS C 196 -15.04 9.35 11.67
CA LYS C 196 -16.41 9.68 11.31
C LYS C 196 -16.61 10.02 9.80
N LEU C 197 -15.73 10.84 9.25
CA LEU C 197 -15.82 11.17 7.83
C LEU C 197 -15.58 9.95 6.93
N LEU C 198 -14.59 9.14 7.27
CA LEU C 198 -14.27 7.96 6.47
C LEU C 198 -15.42 6.95 6.52
N LYS C 199 -16.01 6.78 7.69
CA LYS C 199 -17.14 5.90 7.86
C LYS C 199 -18.32 6.33 6.99
N GLN C 200 -18.55 7.64 6.93
CA GLN C 200 -19.61 8.17 6.07
C GLN C 200 -19.24 7.98 4.61
N ALA C 201 -17.97 8.20 4.27
CA ALA C 201 -17.49 7.91 2.90
C ALA C 201 -17.63 6.43 2.58
N SER C 202 -17.30 5.59 3.56
CA SER C 202 -17.36 4.14 3.39
C SER C 202 -18.76 3.65 3.04
N LEU C 203 -19.75 4.28 3.67
CA LEU C 203 -21.15 3.90 3.48
C LEU C 203 -21.75 4.44 2.18
N ASN C 204 -21.25 5.57 1.70
CA ASN C 204 -21.73 6.20 0.45
C ASN C 204 -20.85 5.84 -0.76
N LYS C 205 -20.22 4.68 -0.71
CA LYS C 205 -19.26 4.29 -1.73
C LYS C 205 -19.97 3.68 -2.93
N GLY C 217 -1.22 11.67 -8.55
CA GLY C 217 -1.32 10.91 -7.31
C GLY C 217 -1.95 9.54 -7.50
N LYS C 218 -1.94 8.71 -6.45
CA LYS C 218 -2.40 7.32 -6.55
C LYS C 218 -3.75 7.00 -5.90
N ASN C 219 -4.33 5.87 -6.30
CA ASN C 219 -5.64 5.47 -5.82
C ASN C 219 -5.58 4.86 -4.42
N ALA C 220 -6.55 5.24 -3.59
CA ALA C 220 -6.59 4.74 -2.23
C ALA C 220 -7.86 3.97 -2.00
N ASP C 221 -7.82 3.05 -1.04
CA ASP C 221 -9.03 2.33 -0.67
C ASP C 221 -9.65 2.92 0.60
N ILE C 222 -10.93 3.24 0.51
CA ILE C 222 -11.64 3.89 1.59
C ILE C 222 -11.69 3.02 2.87
N ASN C 223 -11.84 1.70 2.72
CA ASN C 223 -11.98 0.86 3.91
C ASN C 223 -10.67 0.62 4.63
N GLU C 224 -9.57 0.60 3.88
CA GLU C 224 -8.25 0.48 4.48
C GLU C 224 -7.92 1.75 5.26
N LEU C 225 -8.27 2.90 4.68
CA LEU C 225 -8.08 4.19 5.33
C LEU C 225 -8.85 4.25 6.63
N LEU C 226 -10.10 3.80 6.59
CA LEU C 226 -10.92 3.81 7.79
C LEU C 226 -10.31 2.93 8.88
N GLN C 227 -9.72 1.81 8.45
CA GLN C 227 -9.14 0.85 9.39
C GLN C 227 -7.91 1.45 10.05
N ARG C 228 -7.08 2.07 9.22
CA ARG C 228 -5.87 2.74 9.67
C ARG C 228 -6.17 3.84 10.70
N PHE C 229 -7.11 4.73 10.37
CA PHE C 229 -7.43 5.85 11.23
C PHE C 229 -8.19 5.43 12.47
N THR C 230 -8.91 4.33 12.36
CA THR C 230 -9.54 3.75 13.54
C THR C 230 -8.45 3.30 14.53
N GLU C 231 -7.37 2.75 13.99
CA GLU C 231 -6.25 2.30 14.81
C GLU C 231 -5.48 3.49 15.38
N ARG C 232 -5.24 4.52 14.56
CA ARG C 232 -4.56 5.71 15.06
C ARG C 232 -5.36 6.31 16.21
N SER C 233 -6.68 6.30 16.08
CA SER C 233 -7.57 6.83 17.10
C SER C 233 -7.52 6.09 18.43
N GLU C 234 -7.52 4.76 18.36
CA GLU C 234 -7.44 3.89 19.54
C GLU C 234 -6.12 4.05 20.29
N MET C 235 -5.04 4.20 19.54
CA MET C 235 -3.74 4.47 20.14
C MET C 235 -3.68 5.83 20.83
N MET C 236 -4.28 6.84 20.20
CA MET C 236 -4.27 8.18 20.75
C MET C 236 -5.04 8.20 22.06
N GLN C 237 -6.14 7.44 22.10
CA GLN C 237 -6.94 7.31 23.31
C GLN C 237 -6.15 6.64 24.46
N LYS C 238 -5.39 5.61 24.13
CA LYS C 238 -4.55 4.93 25.12
C LYS C 238 -3.39 5.81 25.58
N TYR C 239 -2.85 6.62 24.67
CA TYR C 239 -1.79 7.57 25.03
C TYR C 239 -2.28 8.55 26.09
N VAL C 240 -3.50 9.03 25.91
CA VAL C 240 -4.11 9.95 26.85
C VAL C 240 -4.36 9.29 28.20
N GLU C 241 -4.87 8.07 28.19
CA GLU C 241 -5.07 7.36 29.45
C GLU C 241 -3.73 7.13 30.17
N ALA C 242 -2.67 6.87 29.40
CA ALA C 242 -1.36 6.61 29.97
C ALA C 242 -0.79 7.82 30.72
N TYR C 243 -0.82 9.01 30.13
CA TYR C 243 -0.28 10.15 30.88
C TYR C 243 -1.14 10.51 32.11
N ARG C 244 -2.45 10.34 32.00
CA ARG C 244 -3.35 10.71 33.11
C ARG C 244 -3.06 9.92 34.37
N LYS C 245 -2.68 8.65 34.21
CA LYS C 245 -2.42 7.78 35.35
C LYS C 245 -1.44 8.36 36.35
N TYR C 246 -0.59 9.28 35.91
CA TYR C 246 0.48 9.78 36.77
C TYR C 246 0.23 11.20 37.21
N CYS C 247 -1.01 11.65 37.03
CA CYS C 247 -1.42 13.00 37.41
C CYS C 247 -2.58 12.94 38.38
N TRP C 248 -2.52 13.79 39.40
CA TRP C 248 -3.66 14.04 40.28
C TRP C 248 -3.44 15.35 41.04
N PRO C 249 -4.52 15.95 41.55
CA PRO C 249 -4.31 17.24 42.21
C PRO C 249 -3.62 17.11 43.57
N VAL C 250 -2.80 18.09 43.89
CA VAL C 250 -2.12 18.15 45.17
C VAL C 250 -2.62 19.39 45.93
N ASN C 251 -3.42 19.15 46.96
CA ASN C 251 -3.96 20.22 47.80
C ASN C 251 -3.25 20.32 49.16
N SER C 252 -2.50 19.28 49.52
CA SER C 252 -1.63 19.32 50.68
C SER C 252 -0.63 18.17 50.63
N ILE C 253 0.27 18.17 51.61
CA ILE C 253 1.32 17.16 51.71
C ILE C 253 0.77 15.73 51.68
N ASP C 254 -0.47 15.56 52.09
CA ASP C 254 -1.07 14.22 52.13
C ASP C 254 -1.46 13.65 50.77
N ASP C 255 -1.43 14.47 49.72
CA ASP C 255 -1.67 13.98 48.36
C ASP C 255 -0.37 13.46 47.72
N LEU C 256 0.75 13.66 48.41
CA LEU C 256 2.04 13.24 47.89
C LEU C 256 2.37 11.83 48.34
N LYS C 257 3.33 11.20 47.66
CA LYS C 257 3.85 9.89 48.02
C LYS C 257 5.37 9.87 47.83
N LEU C 258 6.10 9.60 48.91
CA LEU C 258 7.54 9.42 48.84
C LEU C 258 7.90 7.94 48.91
N ALA C 259 8.74 7.51 47.99
CA ALA C 259 9.15 6.12 47.90
C ALA C 259 10.68 6.03 47.84
N PRO C 260 11.33 5.85 48.99
CA PRO C 260 12.80 5.74 49.03
C PRO C 260 13.25 4.37 48.53
N PHE C 261 14.28 4.33 47.69
CA PHE C 261 14.79 3.04 47.22
C PHE C 261 16.26 2.76 47.54
N HIS C 262 16.99 3.77 48.05
CA HIS C 262 18.37 3.59 48.51
C HIS C 262 18.57 4.34 49.82
N ILE C 263 19.20 3.68 50.78
CA ILE C 263 19.80 4.39 51.89
C ILE C 263 21.24 4.58 51.50
N LEU C 264 21.61 5.81 51.21
CA LEU C 264 22.93 6.07 50.64
C LEU C 264 24.02 6.19 51.70
N ALA C 265 23.70 6.89 52.78
CA ALA C 265 24.74 7.28 53.71
C ALA C 265 24.19 7.63 55.06
N THR C 266 24.94 7.22 56.08
CA THR C 266 24.71 7.66 57.44
C THR C 266 26.10 7.98 57.97
N GLU C 267 26.18 8.47 59.21
CA GLU C 267 27.46 8.85 59.82
C GLU C 267 28.46 7.70 59.74
N GLY C 268 29.63 7.98 59.19
CA GLY C 268 30.67 6.97 59.04
C GLY C 268 30.49 5.87 57.99
N LYS C 269 29.39 5.89 57.24
CA LYS C 269 29.14 4.76 56.32
C LYS C 269 28.39 5.11 55.03
N VAL C 270 28.95 4.76 53.89
CA VAL C 270 28.22 4.78 52.64
C VAL C 270 27.69 3.38 52.40
N HIS C 271 26.38 3.25 52.21
CA HIS C 271 25.77 1.91 52.20
C HIS C 271 25.77 1.21 50.85
N SER C 272 26.75 1.56 50.02
CA SER C 272 26.93 0.95 48.71
C SER C 272 27.49 -0.47 48.77
N ASP C 273 27.78 -0.96 49.96
CA ASP C 273 28.21 -2.35 50.10
C ASP C 273 27.06 -3.29 50.43
N LYS C 274 25.87 -2.73 50.60
CA LYS C 274 24.69 -3.54 50.89
C LYS C 274 23.90 -3.87 49.63
N ASN C 275 23.39 -5.09 49.56
CA ASN C 275 22.62 -5.52 48.41
C ASN C 275 21.22 -4.88 48.41
N HIS C 276 20.52 -4.98 47.29
CA HIS C 276 19.28 -4.25 47.10
C HIS C 276 18.09 -4.83 47.88
N ILE C 277 18.17 -6.11 48.21
CA ILE C 277 17.18 -6.71 49.11
C ILE C 277 17.30 -6.03 50.49
N TRP C 278 18.53 -5.83 50.94
CA TRP C 278 18.83 -5.10 52.16
C TRP C 278 18.23 -3.69 52.13
N HIS C 279 18.44 -2.96 51.04
CA HIS C 279 17.84 -1.62 50.89
C HIS C 279 16.33 -1.66 50.97
N MET C 280 15.72 -2.49 50.15
CA MET C 280 14.26 -2.67 50.21
C MET C 280 13.78 -3.02 51.62
N ASP C 281 14.39 -4.02 52.25
CA ASP C 281 13.97 -4.49 53.60
C ASP C 281 14.15 -3.43 54.69
N THR C 282 15.33 -2.80 54.71
CA THR C 282 15.67 -1.81 55.72
C THR C 282 14.80 -0.57 55.59
N ILE C 283 14.49 -0.20 54.35
CA ILE C 283 13.62 0.95 54.12
C ILE C 283 12.19 0.68 54.56
N ALA C 284 11.67 -0.50 54.22
CA ALA C 284 10.31 -0.86 54.58
C ALA C 284 10.12 -0.82 56.10
N LYS C 285 11.13 -1.28 56.83
CA LYS C 285 11.08 -1.38 58.27
C LYS C 285 11.31 -0.06 59.00
N TYR C 286 12.29 0.71 58.55
CA TYR C 286 12.62 1.97 59.22
C TYR C 286 11.89 3.21 58.70
N CYS C 287 11.31 3.14 57.50
CA CYS C 287 10.76 4.34 56.86
C CYS C 287 9.28 4.33 56.54
N THR C 288 8.67 3.14 56.42
CA THR C 288 7.33 3.09 55.83
C THR C 288 6.19 2.62 56.73
N GLN C 289 6.53 2.19 57.95
CA GLN C 289 5.51 1.77 58.90
C GLN C 289 4.66 2.95 59.37
N ASP C 290 3.35 2.74 59.44
CA ASP C 290 2.40 3.67 60.07
C ASP C 290 2.51 5.14 59.62
N ASP C 291 2.67 5.34 58.31
CA ASP C 291 2.61 6.65 57.69
C ASP C 291 2.49 6.47 56.19
N SER C 292 1.27 6.59 55.69
CA SER C 292 0.96 6.30 54.31
C SER C 292 1.66 7.25 53.32
N LEU C 293 2.18 8.36 53.81
CA LEU C 293 2.95 9.29 52.99
C LEU C 293 4.22 8.64 52.42
N ILE C 294 4.81 7.73 53.19
CA ILE C 294 6.06 7.08 52.83
C ILE C 294 5.84 5.61 52.47
N MET C 295 5.91 5.28 51.19
CA MET C 295 5.51 3.94 50.76
C MET C 295 6.69 3.00 50.51
N ALA C 296 6.44 1.71 50.70
CA ALA C 296 7.40 0.67 50.37
C ALA C 296 7.34 0.44 48.87
N THR C 297 8.35 -0.22 48.34
CA THR C 297 8.44 -0.48 46.93
C THR C 297 8.19 -1.96 46.60
N ASN C 298 7.23 -2.20 45.73
CA ASN C 298 6.99 -3.55 45.21
C ASN C 298 8.25 -4.05 44.50
N HIS C 299 8.77 -5.19 44.93
CA HIS C 299 9.97 -5.74 44.33
C HIS C 299 9.97 -7.28 44.29
N ILE C 300 10.79 -7.85 43.42
CA ILE C 300 11.03 -9.29 43.40
C ILE C 300 12.49 -9.61 43.14
N LEU C 301 12.90 -10.80 43.56
CA LEU C 301 14.24 -11.29 43.30
C LEU C 301 14.17 -12.25 42.11
N VAL C 302 15.09 -12.13 41.17
CA VAL C 302 15.09 -13.03 40.01
C VAL C 302 16.45 -13.69 39.79
N ASP C 303 16.46 -15.02 39.75
CA ASP C 303 17.62 -15.82 39.32
C ASP C 303 17.63 -15.83 37.78
N VAL C 304 18.54 -15.07 37.17
CA VAL C 304 18.50 -14.93 35.71
C VAL C 304 18.99 -16.17 34.96
N THR C 305 19.60 -17.11 35.67
CA THR C 305 19.97 -18.40 35.07
C THR C 305 18.81 -19.40 34.98
N ASP C 306 17.75 -19.19 35.75
CA ASP C 306 16.67 -20.19 35.90
C ASP C 306 15.41 -19.81 35.11
N ALA C 307 14.94 -20.73 34.26
CA ALA C 307 13.78 -20.43 33.41
C ALA C 307 12.51 -20.12 34.21
N GLU C 308 12.32 -20.82 35.32
CA GLU C 308 11.12 -20.63 36.12
C GLU C 308 11.11 -19.26 36.78
N SER C 309 12.27 -18.85 37.28
CA SER C 309 12.39 -17.58 38.00
C SER C 309 12.23 -16.40 37.05
N VAL C 310 12.82 -16.53 35.87
CA VAL C 310 12.63 -15.57 34.77
C VAL C 310 11.17 -15.46 34.33
N ASP C 311 10.46 -16.58 34.31
CA ASP C 311 9.03 -16.57 33.98
C ASP C 311 8.23 -15.80 35.02
N LYS C 312 8.61 -15.92 36.29
CA LYS C 312 7.94 -15.14 37.34
C LYS C 312 8.21 -13.65 37.17
N GLY C 313 9.44 -13.30 36.82
CA GLY C 313 9.83 -11.91 36.63
C GLY C 313 8.97 -11.28 35.56
N ILE C 314 8.88 -11.97 34.43
CA ILE C 314 8.06 -11.56 33.30
C ILE C 314 6.59 -11.35 33.68
N LYS C 315 6.02 -12.35 34.34
CA LYS C 315 4.63 -12.32 34.78
C LYS C 315 4.39 -11.14 35.71
N TRP C 316 5.28 -10.95 36.67
CA TRP C 316 5.20 -9.85 37.61
C TRP C 316 5.28 -8.47 36.92
N TRP C 317 6.15 -8.36 35.92
CA TRP C 317 6.28 -7.13 35.14
C TRP C 317 5.05 -6.89 34.29
N GLU C 318 4.50 -7.97 33.73
CA GLU C 318 3.32 -7.84 32.90
C GLU C 318 2.11 -7.38 33.70
N ASP C 319 2.02 -7.82 34.96
CA ASP C 319 0.89 -7.45 35.80
C ASP C 319 1.01 -6.01 36.27
N LEU C 320 2.23 -5.64 36.70
CA LEU C 320 2.53 -4.30 37.15
C LEU C 320 2.19 -3.24 36.08
N THR C 321 2.64 -3.48 34.86
CA THR C 321 2.39 -2.52 33.79
C THR C 321 0.96 -2.57 33.26
N ALA C 322 0.32 -3.74 33.26
CA ALA C 322 -1.09 -3.80 32.87
C ALA C 322 -1.99 -3.01 33.84
N SER C 323 -1.59 -2.92 35.11
CA SER C 323 -2.33 -2.13 36.07
C SER C 323 -1.80 -0.68 36.19
N GLY C 324 -1.06 -0.25 35.17
CA GLY C 324 -0.73 1.15 35.05
C GLY C 324 0.65 1.60 35.52
N GLY C 325 1.40 0.69 36.14
CA GLY C 325 2.80 0.95 36.47
C GLY C 325 3.64 1.28 35.24
N GLU C 326 4.60 2.19 35.41
CA GLU C 326 5.52 2.55 34.32
C GLU C 326 6.36 1.36 33.81
N GLY C 327 6.80 0.51 34.74
CA GLY C 327 7.70 -0.57 34.43
C GLY C 327 8.58 -0.91 35.61
N MET C 328 9.78 -1.42 35.36
CA MET C 328 10.67 -1.75 36.47
C MET C 328 12.07 -1.20 36.30
N VAL C 329 12.76 -1.07 37.42
CA VAL C 329 14.19 -0.88 37.39
C VAL C 329 14.83 -2.22 37.76
N VAL C 330 15.62 -2.78 36.85
CA VAL C 330 16.32 -4.04 37.11
C VAL C 330 17.72 -3.78 37.62
N LYS C 331 17.99 -4.20 38.86
CA LYS C 331 19.29 -3.94 39.49
C LYS C 331 20.04 -5.23 39.80
N PRO C 332 21.38 -5.20 39.67
CA PRO C 332 22.15 -6.34 40.15
C PRO C 332 21.90 -6.55 41.64
N TYR C 333 21.87 -7.79 42.09
CA TYR C 333 21.68 -8.09 43.52
C TYR C 333 22.59 -7.24 44.39
N ASP C 334 23.88 -7.22 44.07
CA ASP C 334 24.81 -6.36 44.78
C ASP C 334 24.79 -4.94 44.21
N PHE C 335 24.99 -3.96 45.09
CA PHE C 335 24.88 -2.55 44.72
C PHE C 335 25.88 -2.15 43.62
N ILE C 336 27.16 -2.38 43.90
CA ILE C 336 28.21 -2.20 42.90
C ILE C 336 28.72 -3.56 42.44
N VAL C 337 28.80 -3.74 41.13
CA VAL C 337 29.22 -5.02 40.62
C VAL C 337 30.15 -4.86 39.41
N LYS C 338 31.05 -5.82 39.24
CA LYS C 338 32.03 -5.81 38.16
C LYS C 338 32.12 -7.13 37.44
N ASN C 339 32.36 -7.07 36.14
CA ASN C 339 32.70 -8.25 35.39
C ASN C 339 34.21 -8.18 35.18
N GLY C 340 34.95 -8.91 36.01
CA GLY C 340 36.39 -8.73 36.08
C GLY C 340 36.71 -7.34 36.59
N ARG C 341 37.30 -6.51 35.71
CA ARG C 341 37.61 -5.14 36.09
C ARG C 341 36.61 -4.18 35.48
N GLU C 342 35.66 -4.74 34.73
CA GLU C 342 34.67 -3.94 34.04
C GLU C 342 33.43 -3.66 34.91
N LEU C 343 33.22 -2.38 35.21
CA LEU C 343 32.04 -1.93 35.96
C LEU C 343 30.75 -2.14 35.16
N LEU C 344 29.71 -2.64 35.83
CA LEU C 344 28.48 -2.95 35.13
C LEU C 344 27.43 -1.95 35.54
N GLN C 345 26.38 -1.82 34.73
CA GLN C 345 25.28 -0.92 35.04
C GLN C 345 24.74 -1.24 36.45
N PRO C 346 24.58 -0.20 37.28
CA PRO C 346 23.98 -0.38 38.61
C PRO C 346 22.48 -0.52 38.49
N ALA C 347 21.96 -0.36 37.27
CA ALA C 347 20.52 -0.31 37.02
C ALA C 347 20.17 -0.30 35.53
N VAL C 348 19.15 -1.06 35.16
CA VAL C 348 18.65 -1.02 33.81
C VAL C 348 17.12 -0.81 33.82
N LYS C 349 16.64 0.16 33.06
CA LYS C 349 15.20 0.43 33.02
C LYS C 349 14.52 -0.45 31.97
N CYS C 350 13.31 -0.89 32.26
CA CYS C 350 12.55 -1.71 31.35
C CYS C 350 11.08 -1.32 31.46
N ARG C 351 10.60 -0.55 30.48
CA ARG C 351 9.34 0.19 30.63
C ARG C 351 8.14 -0.44 29.90
N GLY C 352 6.95 -0.21 30.44
CA GLY C 352 5.75 -0.83 29.92
C GLY C 352 5.41 -0.42 28.50
N ARG C 353 4.71 -1.29 27.79
CA ARG C 353 4.30 -1.05 26.41
C ARG C 353 3.42 0.19 26.31
N GLU C 354 2.48 0.32 27.25
CA GLU C 354 1.56 1.44 27.24
C GLU C 354 2.19 2.73 27.77
N TYR C 355 3.04 2.61 28.79
CA TYR C 355 3.73 3.80 29.29
C TYR C 355 4.59 4.48 28.21
N LEU C 356 5.17 3.68 27.32
CA LEU C 356 6.13 4.22 26.36
C LEU C 356 5.52 5.12 25.30
N ARG C 357 4.19 5.12 25.17
CA ARG C 357 3.52 6.08 24.28
C ARG C 357 3.83 7.51 24.69
N ILE C 358 4.05 7.75 25.98
CA ILE C 358 4.43 9.06 26.48
C ILE C 358 5.86 9.43 26.09
N ILE C 359 6.67 8.43 25.78
CA ILE C 359 8.08 8.66 25.48
C ILE C 359 8.36 8.60 23.97
N TYR C 360 7.92 7.52 23.32
CA TYR C 360 8.13 7.33 21.90
C TYR C 360 7.00 7.84 21.03
N GLY C 361 5.90 8.25 21.65
CA GLY C 361 4.78 8.80 20.91
C GLY C 361 3.58 7.89 20.91
N PRO C 362 2.37 8.49 20.90
CA PRO C 362 1.09 7.79 20.94
C PRO C 362 0.98 6.67 19.91
N GLU C 363 1.63 6.83 18.77
CA GLU C 363 1.49 5.88 17.67
C GLU C 363 2.71 4.98 17.45
N TYR C 364 3.65 4.96 18.38
CA TYR C 364 4.88 4.18 18.19
C TYR C 364 4.64 2.67 18.00
N THR C 365 3.52 2.14 18.49
CA THR C 365 3.26 0.69 18.40
C THR C 365 2.77 0.20 17.04
N MET C 366 2.39 1.12 16.17
CA MET C 366 1.95 0.73 14.84
C MET C 366 3.14 0.17 14.06
N ASP C 367 2.88 -0.87 13.27
CA ASP C 367 3.94 -1.70 12.69
C ASP C 367 5.07 -0.90 12.02
N GLU C 368 4.68 -0.01 11.12
CA GLU C 368 5.64 0.78 10.34
C GLU C 368 6.50 1.71 11.21
N ASN C 369 6.01 2.00 12.42
CA ASN C 369 6.78 2.82 13.34
C ASN C 369 7.69 1.98 14.24
N ILE C 370 7.12 0.98 14.91
CA ILE C 370 7.87 0.21 15.91
C ILE C 370 9.07 -0.52 15.32
N GLU C 371 9.01 -0.81 14.02
CA GLU C 371 10.13 -1.51 13.42
C GLU C 371 11.31 -0.58 13.21
N ARG C 372 11.02 0.70 12.96
CA ARG C 372 12.06 1.68 12.74
C ARG C 372 12.75 2.09 14.04
N LEU C 373 12.14 1.76 15.16
CA LEU C 373 12.66 2.18 16.45
C LEU C 373 13.52 1.13 17.14
N ARG C 374 13.56 -0.08 16.57
CA ARG C 374 14.33 -1.17 17.18
C ARG C 374 15.83 -0.98 17.06
N ASN C 375 16.25 -0.15 16.10
CA ASN C 375 17.66 0.08 15.86
C ASN C 375 18.13 1.32 16.62
N ARG C 376 18.22 1.21 17.94
CA ARG C 376 18.65 2.33 18.75
C ARG C 376 19.96 1.98 19.42
N ALA C 377 20.77 2.99 19.68
CA ALA C 377 22.10 2.81 20.23
C ALA C 377 22.16 3.28 21.66
N VAL C 378 22.46 2.37 22.58
CA VAL C 378 22.48 2.69 24.01
C VAL C 378 23.89 2.82 24.55
N GLY C 379 24.87 2.63 23.68
CA GLY C 379 26.28 2.70 24.04
C GLY C 379 26.64 4.00 24.72
N LYS C 380 26.23 5.11 24.14
CA LYS C 380 26.52 6.42 24.72
C LYS C 380 25.80 6.63 26.06
N LYS C 381 24.53 6.24 26.12
CA LYS C 381 23.76 6.36 27.34
C LYS C 381 24.37 5.51 28.47
N ARG C 382 24.81 4.30 28.11
CA ARG C 382 25.42 3.40 29.10
C ARG C 382 26.70 3.99 29.68
N SER C 383 27.51 4.58 28.82
CA SER C 383 28.75 5.22 29.27
C SER C 383 28.48 6.44 30.19
N LEU C 384 27.48 7.26 29.87
CA LEU C 384 27.14 8.38 30.74
C LEU C 384 26.69 7.94 32.13
N ALA C 385 25.94 6.85 32.19
CA ALA C 385 25.45 6.34 33.46
C ALA C 385 26.59 5.85 34.36
N LEU C 386 27.53 5.09 33.80
CA LEU C 386 28.67 4.59 34.58
C LEU C 386 29.49 5.73 35.15
N ARG C 387 29.79 6.70 34.30
CA ARG C 387 30.53 7.86 34.74
C ARG C 387 29.77 8.67 35.80
N GLU C 388 28.48 8.85 35.63
CA GLU C 388 27.72 9.63 36.61
C GLU C 388 27.57 8.83 37.90
N PHE C 389 27.39 7.51 37.77
CA PHE C 389 27.30 6.63 38.92
C PHE C 389 28.58 6.73 39.75
N SER C 390 29.72 6.71 39.06
CA SER C 390 31.03 6.73 39.71
C SER C 390 31.31 8.06 40.40
N LEU C 391 30.88 9.16 39.80
CA LEU C 391 30.99 10.46 40.49
C LEU C 391 30.13 10.54 41.78
N GLY C 392 28.93 9.98 41.73
CA GLY C 392 28.01 10.03 42.85
C GLY C 392 28.53 9.22 44.03
N MET C 393 28.95 7.99 43.76
CA MET C 393 29.60 7.18 44.78
C MET C 393 30.80 7.90 45.41
N GLU C 394 31.61 8.54 44.57
CA GLU C 394 32.77 9.26 45.08
C GLU C 394 32.41 10.48 45.94
N ALA C 395 31.40 11.24 45.53
CA ALA C 395 30.93 12.37 46.33
C ALA C 395 30.54 11.91 47.75
N LEU C 396 29.78 10.83 47.82
CA LEU C 396 29.32 10.27 49.07
C LEU C 396 30.49 9.78 49.95
N GLU C 397 31.49 9.12 49.35
CA GLU C 397 32.61 8.61 50.15
C GLU C 397 33.52 9.73 50.61
N ARG C 398 33.71 10.74 49.79
CA ARG C 398 34.49 11.89 50.22
C ARG C 398 33.81 12.63 51.38
N PHE C 399 32.49 12.71 51.33
CA PHE C 399 31.77 13.39 52.39
C PHE C 399 31.81 12.59 53.68
N VAL C 400 31.62 11.28 53.57
CA VAL C 400 31.56 10.40 54.72
C VAL C 400 32.93 10.28 55.43
N ARG C 401 34.02 10.50 54.70
CA ARG C 401 35.36 10.47 55.29
C ARG C 401 35.84 11.88 55.66
N ASN C 402 34.90 12.84 55.61
CA ASN C 402 35.15 14.21 56.05
C ASN C 402 36.14 15.04 55.23
N GLU C 403 36.19 14.85 53.92
CA GLU C 403 37.05 15.69 53.09
C GLU C 403 36.40 17.08 52.95
N PRO C 404 37.20 18.11 52.66
CA PRO C 404 36.63 19.45 52.47
C PRO C 404 35.56 19.51 51.39
N LEU C 405 34.74 20.55 51.48
CA LEU C 405 33.56 20.68 50.64
C LEU C 405 33.87 20.67 49.14
N TYR C 406 34.92 21.39 48.74
CA TYR C 406 35.24 21.48 47.31
C TYR C 406 35.59 20.12 46.67
N ARG C 407 36.07 19.18 47.48
CA ARG C 407 36.32 17.81 47.00
C ARG C 407 35.04 17.02 46.80
N VAL C 408 34.06 17.23 47.67
CA VAL C 408 32.74 16.64 47.53
C VAL C 408 32.04 17.33 46.36
N HIS C 409 32.06 18.66 46.39
CA HIS C 409 31.41 19.46 45.35
C HIS C 409 31.85 19.18 43.92
N GLU C 410 33.13 18.90 43.68
CA GLU C 410 33.58 18.68 42.30
C GLU C 410 32.99 17.42 41.65
N CYS C 411 32.73 16.40 42.45
CA CYS C 411 32.05 15.20 41.96
C CYS C 411 30.57 15.49 41.63
N VAL C 412 29.91 16.20 42.53
CA VAL C 412 28.51 16.54 42.40
C VAL C 412 28.32 17.46 41.20
N PHE C 413 29.26 18.39 41.05
CA PHE C 413 29.25 19.31 39.93
C PHE C 413 29.50 18.56 38.65
N GLY C 414 30.35 17.53 38.75
CA GLY C 414 30.67 16.69 37.61
C GLY C 414 29.47 15.95 37.05
N VAL C 415 28.60 15.43 37.93
CA VAL C 415 27.36 14.78 37.51
C VAL C 415 26.48 15.75 36.70
N LEU C 416 26.29 16.95 37.24
CA LEU C 416 25.57 18.00 36.55
C LEU C 416 26.14 18.29 35.18
N ALA C 417 27.47 18.41 35.09
CA ALA C 417 28.10 18.70 33.81
C ALA C 417 27.92 17.59 32.75
N LEU C 418 28.00 16.32 33.17
CA LEU C 418 27.84 15.22 32.21
C LEU C 418 26.40 15.14 31.72
N GLU C 419 25.46 15.54 32.57
CA GLU C 419 24.06 15.57 32.19
C GLU C 419 23.72 16.56 31.07
N SER C 420 24.66 17.44 30.73
CA SER C 420 24.41 18.36 29.61
C SER C 420 24.97 17.83 28.27
N GLU C 421 25.59 16.66 28.30
CA GLU C 421 26.03 15.99 27.09
C GLU C 421 24.80 15.50 26.30
N PRO C 422 24.68 15.90 25.04
CA PRO C 422 23.53 15.49 24.22
C PRO C 422 23.44 13.98 24.04
N VAL C 423 22.22 13.47 24.11
CA VAL C 423 21.96 12.03 24.03
C VAL C 423 20.47 11.85 23.72
N ASP C 424 20.11 10.73 23.09
CA ASP C 424 18.70 10.44 22.79
C ASP C 424 17.85 10.48 24.07
N PRO C 425 16.91 11.44 24.14
CA PRO C 425 16.09 11.69 25.33
C PRO C 425 15.03 10.62 25.59
N ARG C 426 14.84 9.69 24.67
CA ARG C 426 13.83 8.63 24.82
C ARG C 426 14.40 7.47 25.61
N LEU C 427 15.72 7.48 25.80
CA LEU C 427 16.37 6.46 26.62
C LEU C 427 16.30 6.82 28.12
N MET D 1 -5.85 18.99 11.03
CA MET D 1 -5.44 17.79 10.31
C MET D 1 -6.42 17.58 9.17
N ILE D 2 -7.58 18.22 9.30
CA ILE D 2 -8.65 18.04 8.34
C ILE D 2 -9.15 19.36 7.77
N LEU D 3 -9.42 19.34 6.47
CA LEU D 3 -10.07 20.43 5.76
C LEU D 3 -11.26 19.83 5.04
N THR D 4 -12.44 20.40 5.24
CA THR D 4 -13.59 20.02 4.44
C THR D 4 -14.14 21.21 3.66
N ILE D 5 -14.73 20.95 2.50
CA ILE D 5 -15.41 21.98 1.71
C ILE D 5 -16.76 21.42 1.26
N THR D 6 -17.81 22.18 1.50
CA THR D 6 -19.18 21.71 1.28
C THR D 6 -19.92 22.62 0.32
N TYR D 7 -20.68 22.03 -0.59
CA TYR D 7 -21.37 22.75 -1.67
C TYR D 7 -22.77 22.17 -1.82
N THR D 8 -23.78 23.04 -1.94
CA THR D 8 -25.18 22.59 -1.93
C THR D 8 -26.06 23.09 -3.09
N GLN D 9 -25.47 23.71 -4.10
CA GLN D 9 -26.25 24.14 -5.25
C GLN D 9 -26.45 22.97 -6.22
N PRO D 10 -27.71 22.56 -6.42
CA PRO D 10 -27.96 21.41 -7.29
C PRO D 10 -27.62 21.70 -8.75
N PRO D 11 -26.86 20.81 -9.40
CA PRO D 11 -26.34 19.55 -8.86
C PRO D 11 -25.02 19.74 -8.09
N ALA D 12 -25.00 19.40 -6.79
CA ALA D 12 -23.84 19.66 -5.93
C ALA D 12 -22.58 18.91 -6.31
N THR D 13 -22.74 17.79 -7.03
CA THR D 13 -21.60 17.03 -7.55
C THR D 13 -20.71 17.85 -8.48
N ASP D 14 -21.19 19.01 -8.93
CA ASP D 14 -20.33 19.93 -9.67
C ASP D 14 -19.05 20.30 -8.91
N LEU D 15 -19.10 20.22 -7.57
CA LEU D 15 -17.90 20.42 -6.74
C LEU D 15 -16.75 19.52 -7.20
N GLY D 16 -17.07 18.32 -7.66
CA GLY D 16 -16.07 17.41 -8.18
C GLY D 16 -15.33 17.88 -9.42
N TYR D 17 -16.03 18.48 -10.38
CA TYR D 17 -15.35 19.02 -11.56
C TYR D 17 -14.51 20.22 -11.16
N LEU D 18 -15.07 21.07 -10.31
CA LEU D 18 -14.40 22.31 -9.93
C LEU D 18 -13.08 22.04 -9.21
N LEU D 19 -13.01 20.93 -8.50
CA LEU D 19 -11.82 20.58 -7.74
C LEU D 19 -10.96 19.56 -8.47
N HIS D 20 -11.44 19.09 -9.62
CA HIS D 20 -10.73 18.14 -10.49
C HIS D 20 -10.47 16.80 -9.82
N LYS D 21 -11.45 16.34 -9.05
CA LYS D 21 -11.35 15.07 -8.36
C LYS D 21 -12.67 14.36 -8.47
N ASN D 22 -12.64 13.14 -8.97
CA ASN D 22 -13.84 12.32 -9.07
C ASN D 22 -14.29 11.85 -7.69
N PRO D 23 -15.53 12.18 -7.31
CA PRO D 23 -16.07 11.78 -6.02
C PRO D 23 -16.06 10.28 -5.78
N SER D 24 -15.97 9.49 -6.84
CA SER D 24 -16.03 8.05 -6.66
C SER D 24 -14.64 7.45 -6.51
N ARG D 25 -13.61 8.27 -6.65
CA ARG D 25 -12.23 7.79 -6.59
C ARG D 25 -11.33 8.49 -5.56
N PRO D 26 -11.30 7.96 -4.33
CA PRO D 26 -10.41 8.40 -3.25
C PRO D 26 -8.94 8.34 -3.68
N GLN D 27 -8.15 9.34 -3.29
CA GLN D 27 -6.75 9.38 -3.67
C GLN D 27 -5.79 9.75 -2.53
N THR D 28 -4.57 9.27 -2.67
CA THR D 28 -3.51 9.55 -1.73
C THR D 28 -2.36 10.26 -2.46
N PHE D 29 -1.89 11.37 -1.89
CA PHE D 29 -0.77 12.12 -2.45
C PHE D 29 0.41 12.13 -1.49
N GLU D 30 1.61 12.11 -2.05
CA GLU D 30 2.83 12.10 -1.26
C GLU D 30 3.21 13.52 -0.83
N LEU D 31 3.57 13.68 0.43
CA LEU D 31 4.10 14.93 0.92
C LEU D 31 5.49 14.68 1.50
N ASN D 32 6.19 15.76 1.84
CA ASN D 32 7.36 15.63 2.70
C ASN D 32 6.90 15.25 4.10
N HIS D 33 7.46 14.17 4.63
CA HIS D 33 7.11 13.67 5.97
C HIS D 33 5.69 13.09 6.07
N GLY D 34 5.14 12.61 4.96
CA GLY D 34 3.91 11.85 5.02
C GLY D 34 3.01 11.98 3.79
N LYS D 35 1.72 11.74 4.00
CA LYS D 35 0.76 11.65 2.91
C LYS D 35 -0.47 12.51 3.16
N ALA D 36 -1.24 12.77 2.10
CA ALA D 36 -2.52 13.47 2.21
C ALA D 36 -3.59 12.66 1.49
N HIS D 37 -4.74 12.50 2.12
CA HIS D 37 -5.81 11.75 1.49
C HIS D 37 -6.96 12.66 1.12
N ILE D 38 -7.50 12.49 -0.07
CA ILE D 38 -8.69 13.22 -0.46
C ILE D 38 -9.81 12.26 -0.84
N PHE D 39 -11.02 12.56 -0.39
CA PHE D 39 -12.15 11.69 -0.65
C PHE D 39 -13.42 12.46 -0.33
N TYR D 40 -14.57 11.91 -0.74
CA TYR D 40 -15.85 12.58 -0.55
C TYR D 40 -16.76 11.83 0.42
N PRO D 41 -16.89 12.34 1.65
CA PRO D 41 -17.80 11.68 2.58
C PRO D 41 -19.26 11.74 2.10
N GLU D 42 -19.59 12.72 1.27
CA GLU D 42 -20.94 12.86 0.73
C GLU D 42 -20.91 13.44 -0.68
N ALA D 43 -21.71 12.87 -1.58
CA ALA D 43 -21.76 13.33 -2.97
C ALA D 43 -23.11 13.02 -3.65
N THR D 44 -24.08 13.92 -3.49
CA THR D 44 -25.38 13.78 -4.12
C THR D 44 -25.73 15.04 -4.93
N SER D 45 -26.90 15.06 -5.56
CA SER D 45 -27.34 16.25 -6.30
C SER D 45 -27.53 17.45 -5.38
N GLU D 46 -27.94 17.19 -4.15
CA GLU D 46 -28.26 18.23 -3.18
C GLU D 46 -27.07 18.68 -2.32
N ARG D 47 -26.16 17.74 -2.00
CA ARG D 47 -25.04 18.07 -1.13
C ARG D 47 -23.76 17.32 -1.46
N CYS D 48 -22.70 18.07 -1.75
CA CYS D 48 -21.37 17.50 -1.94
C CYS D 48 -20.35 18.05 -0.91
N THR D 49 -19.62 17.16 -0.25
CA THR D 49 -18.58 17.56 0.69
C THR D 49 -17.26 16.87 0.40
N VAL D 50 -16.20 17.64 0.24
CA VAL D 50 -14.88 17.04 0.03
C VAL D 50 -14.09 17.08 1.34
N ALA D 51 -13.20 16.10 1.53
CA ALA D 51 -12.32 16.03 2.70
C ALA D 51 -10.85 15.89 2.34
N LEU D 52 -10.02 16.71 2.96
CA LEU D 52 -8.59 16.61 2.81
C LEU D 52 -7.97 16.24 4.17
N LEU D 53 -7.36 15.06 4.22
CA LEU D 53 -6.88 14.44 5.43
C LEU D 53 -5.36 14.32 5.44
N LEU D 54 -4.70 14.97 6.40
CA LEU D 54 -3.25 14.82 6.54
C LEU D 54 -2.88 13.50 7.24
N ASP D 55 -1.86 12.85 6.73
CA ASP D 55 -1.38 11.57 7.27
C ASP D 55 0.12 11.68 7.54
N ILE D 56 0.48 12.38 8.61
CA ILE D 56 1.88 12.70 8.88
C ILE D 56 2.58 11.59 9.66
N ASP D 57 3.75 11.19 9.20
CA ASP D 57 4.55 10.20 9.93
C ASP D 57 5.39 10.85 11.01
N PRO D 58 5.12 10.51 12.29
CA PRO D 58 5.86 11.12 13.40
C PRO D 58 7.35 10.76 13.42
N ILE D 59 7.73 9.60 12.90
CA ILE D 59 9.16 9.20 12.83
C ILE D 59 9.96 9.97 11.77
N ASP D 60 9.50 9.95 10.52
CA ASP D 60 10.18 10.67 9.43
C ASP D 60 10.20 12.18 9.68
N LEU D 61 9.17 12.66 10.36
CA LEU D 61 9.09 14.08 10.68
C LEU D 61 10.25 14.46 11.57
N ALA D 62 10.45 13.67 12.62
CA ALA D 62 11.49 13.96 13.61
C ALA D 62 12.89 13.77 13.01
N ARG D 63 13.03 12.79 12.12
CA ARG D 63 14.30 12.53 11.46
C ARG D 63 14.67 13.61 10.45
N GLY D 64 13.70 14.45 10.09
CA GLY D 64 13.93 15.56 9.18
C GLY D 64 14.30 16.83 9.94
N GLY D 73 15.70 16.37 21.31
CA GLY D 73 14.75 16.79 22.33
C GLY D 73 13.50 15.93 22.32
N LEU D 74 12.90 15.75 23.49
CA LEU D 74 11.74 14.86 23.63
C LEU D 74 10.56 15.29 22.75
N PHE D 75 10.33 16.59 22.66
CA PHE D 75 9.18 17.06 21.88
C PHE D 75 9.45 17.27 20.39
N ASP D 76 10.61 16.81 19.93
CA ASP D 76 10.84 16.55 18.51
C ASP D 76 10.23 15.21 18.13
N TYR D 77 10.05 14.33 19.11
CA TYR D 77 9.48 13.02 18.86
C TYR D 77 7.99 12.97 19.20
N VAL D 78 7.60 13.69 20.25
CA VAL D 78 6.20 13.74 20.67
C VAL D 78 5.68 15.17 20.59
N ASN D 79 4.84 15.43 19.58
CA ASN D 79 4.35 16.78 19.31
C ASN D 79 3.02 16.78 18.55
N ASP D 80 2.43 17.96 18.39
CA ASP D 80 1.09 18.07 17.78
C ASP D 80 1.07 18.14 16.25
N ARG D 81 2.24 18.25 15.64
CA ARG D 81 2.36 18.34 14.17
C ARG D 81 1.52 17.38 13.30
N PRO D 82 1.40 16.08 13.67
CA PRO D 82 0.52 15.21 12.88
C PRO D 82 -0.98 15.52 13.02
N TYR D 83 -1.37 16.37 13.96
CA TYR D 83 -2.78 16.50 14.32
C TYR D 83 -3.40 17.88 14.11
N VAL D 84 -2.64 18.79 13.51
CA VAL D 84 -3.08 20.16 13.40
C VAL D 84 -3.06 20.69 11.97
N SER D 85 -3.80 21.76 11.74
CA SER D 85 -3.75 22.41 10.45
C SER D 85 -2.64 23.44 10.46
N SER D 86 -1.42 22.96 10.26
CA SER D 86 -0.25 23.81 10.15
C SER D 86 0.00 24.11 8.69
N SER D 87 1.18 24.64 8.38
CA SER D 87 1.57 24.90 6.99
C SER D 87 1.56 23.65 6.14
N PHE D 88 1.68 22.48 6.76
CA PHE D 88 1.56 21.19 6.05
C PHE D 88 0.23 21.12 5.29
N MET D 89 -0.82 21.66 5.89
CA MET D 89 -2.14 21.71 5.26
C MET D 89 -2.12 22.56 3.99
N SER D 90 -1.49 23.72 4.06
CA SER D 90 -1.23 24.52 2.86
C SER D 90 -0.49 23.76 1.75
N VAL D 91 0.63 23.13 2.11
CA VAL D 91 1.43 22.35 1.16
C VAL D 91 0.58 21.28 0.50
N ALA D 92 -0.24 20.60 1.30
CA ALA D 92 -1.17 19.60 0.76
C ALA D 92 -2.24 20.19 -0.19
N ILE D 93 -2.78 21.36 0.15
CA ILE D 93 -3.79 22.00 -0.70
C ILE D 93 -3.24 22.24 -2.10
N SER D 94 -2.03 22.78 -2.16
CA SER D 94 -1.34 23.03 -3.41
C SER D 94 -1.11 21.73 -4.19
N ARG D 95 -0.73 20.66 -3.49
CA ARG D 95 -0.48 19.38 -4.11
C ARG D 95 -1.75 18.69 -4.64
N VAL D 96 -2.89 18.96 -4.01
CA VAL D 96 -4.11 18.24 -4.34
C VAL D 96 -5.10 19.09 -5.16
N PHE D 97 -5.10 20.39 -4.92
CA PHE D 97 -6.10 21.25 -5.54
C PHE D 97 -5.48 22.34 -6.40
N GLY D 98 -4.24 22.10 -6.86
CA GLY D 98 -3.48 23.07 -7.64
C GLY D 98 -4.15 23.67 -8.87
N THR D 99 -4.85 22.85 -9.64
CA THR D 99 -5.54 23.32 -10.83
C THR D 99 -6.73 24.22 -10.47
N ALA D 100 -7.47 23.83 -9.45
CA ALA D 100 -8.60 24.63 -8.98
C ALA D 100 -8.12 26.00 -8.47
N MET D 101 -6.96 26.03 -7.82
CA MET D 101 -6.40 27.27 -7.30
C MET D 101 -6.09 28.24 -8.44
N SER D 102 -5.73 27.69 -9.60
CA SER D 102 -5.38 28.51 -10.76
C SER D 102 -6.62 29.13 -11.43
N GLY D 103 -7.75 28.46 -11.29
CA GLY D 103 -9.01 28.96 -11.83
C GLY D 103 -9.48 28.18 -13.05
N LYS D 104 -8.71 27.19 -13.46
CA LYS D 104 -9.08 26.39 -14.63
C LYS D 104 -10.15 25.36 -14.28
N CYS D 105 -11.18 25.28 -15.11
CA CYS D 105 -12.16 24.20 -15.05
C CYS D 105 -12.86 24.09 -16.39
N LYS D 106 -12.29 23.30 -17.29
CA LYS D 106 -12.78 23.22 -18.66
C LYS D 106 -14.18 22.59 -18.78
N GLU D 107 -14.57 21.78 -17.80
CA GLU D 107 -15.89 21.15 -17.78
C GLU D 107 -16.99 22.09 -17.32
N LYS D 108 -16.67 22.97 -16.38
CA LYS D 108 -17.64 23.96 -15.88
C LYS D 108 -16.99 25.34 -15.73
N PRO D 109 -16.62 25.98 -16.85
CA PRO D 109 -15.87 27.24 -16.80
C PRO D 109 -16.72 28.37 -16.21
N GLU D 110 -18.02 28.31 -16.42
CA GLU D 110 -18.93 29.32 -15.91
C GLU D 110 -19.01 29.29 -14.38
N LEU D 111 -19.14 28.09 -13.82
CA LEU D 111 -19.16 27.94 -12.38
C LEU D 111 -17.84 28.40 -11.75
N ALA D 112 -16.73 28.15 -12.44
CA ALA D 112 -15.44 28.51 -11.89
C ALA D 112 -15.20 30.02 -11.91
N ALA D 113 -15.98 30.73 -12.70
CA ALA D 113 -15.75 32.16 -12.89
C ALA D 113 -16.61 33.04 -11.98
N ILE D 114 -17.59 32.43 -11.32
CA ILE D 114 -18.50 33.20 -10.46
C ILE D 114 -18.40 32.83 -8.97
N LYS D 115 -19.05 33.64 -8.14
CA LYS D 115 -19.17 33.35 -6.71
C LYS D 115 -20.16 32.21 -6.48
N LEU D 116 -19.74 31.21 -5.70
CA LEU D 116 -20.59 30.09 -5.35
C LEU D 116 -20.85 30.07 -3.85
N PRO D 117 -22.01 29.55 -3.43
CA PRO D 117 -22.27 29.40 -1.99
C PRO D 117 -21.43 28.25 -1.44
N LEU D 118 -20.48 28.58 -0.56
CA LEU D 118 -19.52 27.58 -0.10
C LEU D 118 -19.29 27.61 1.41
N LYS D 119 -18.97 26.44 1.96
CA LYS D 119 -18.64 26.29 3.37
C LYS D 119 -17.35 25.48 3.52
N ALA D 120 -16.48 25.95 4.40
CA ALA D 120 -15.23 25.26 4.67
C ALA D 120 -15.02 25.07 6.18
N LYS D 121 -14.39 23.96 6.54
CA LYS D 121 -14.07 23.71 7.93
C LYS D 121 -12.59 23.36 8.05
N ILE D 122 -11.89 24.11 8.89
CA ILE D 122 -10.49 23.90 9.18
C ILE D 122 -10.34 23.49 10.66
N MET D 123 -9.90 22.27 10.90
CA MET D 123 -9.79 21.76 12.26
C MET D 123 -8.44 22.01 12.91
N MET D 124 -8.47 22.22 14.21
CA MET D 124 -7.26 22.27 15.03
C MET D 124 -6.20 23.20 14.45
N LEU D 125 -6.60 24.44 14.16
CA LEU D 125 -5.67 25.49 13.81
C LEU D 125 -5.03 26.04 15.09
N PRO D 126 -3.71 25.84 15.25
CA PRO D 126 -3.06 26.40 16.45
C PRO D 126 -2.87 27.91 16.29
N CYS D 127 -3.38 28.69 17.23
CA CYS D 127 -3.26 30.13 17.11
C CYS D 127 -2.93 30.80 18.44
N LYS D 128 -1.70 31.27 18.57
CA LYS D 128 -1.25 31.94 19.80
C LYS D 128 -2.02 33.22 20.13
N GLY D 129 -2.47 33.94 19.10
CA GLY D 129 -3.16 35.20 19.29
C GLY D 129 -4.65 35.08 19.54
N GLY D 130 -5.15 33.84 19.56
CA GLY D 130 -6.54 33.58 19.89
C GLY D 130 -7.52 33.86 18.75
N GLU D 131 -8.81 33.86 19.11
CA GLU D 131 -9.91 34.04 18.18
C GLU D 131 -9.75 35.32 17.37
N GLU D 132 -9.29 36.37 18.06
CA GLU D 132 -9.18 37.70 17.45
C GLU D 132 -8.42 37.71 16.12
N ILE D 133 -7.29 37.00 16.07
CA ILE D 133 -6.44 36.96 14.87
C ILE D 133 -7.18 36.29 13.71
N ILE D 134 -7.89 35.22 14.03
CA ILE D 134 -8.65 34.50 13.03
C ILE D 134 -9.72 35.40 12.37
N TYR D 135 -10.48 36.14 13.18
CA TYR D 135 -11.48 37.06 12.64
C TYR D 135 -10.84 38.17 11.81
N ARG D 136 -9.75 38.74 12.30
CA ARG D 136 -9.06 39.79 11.57
C ARG D 136 -8.52 39.30 10.22
N LEU D 137 -8.24 37.99 10.12
CA LEU D 137 -7.71 37.47 8.87
C LEU D 137 -8.76 37.09 7.84
N PHE D 138 -9.87 36.51 8.30
CA PHE D 138 -10.88 35.98 7.38
C PHE D 138 -12.10 36.86 7.14
N GLU D 139 -12.57 37.56 8.17
CA GLU D 139 -13.72 38.45 7.99
C GLU D 139 -13.59 39.49 6.88
N PRO D 140 -12.41 40.13 6.72
CA PRO D 140 -12.31 41.18 5.68
C PRO D 140 -12.34 40.64 4.24
N LEU D 141 -12.22 39.33 4.09
CA LEU D 141 -12.36 38.67 2.80
C LEU D 141 -13.83 38.33 2.58
N GLY D 142 -14.66 38.67 3.57
CA GLY D 142 -16.11 38.55 3.41
C GLY D 142 -16.76 37.30 3.97
N TYR D 143 -15.99 36.45 4.65
CA TYR D 143 -16.58 35.23 5.17
C TYR D 143 -17.42 35.48 6.42
N LYS D 144 -18.40 34.61 6.63
CA LYS D 144 -19.02 34.48 7.93
C LYS D 144 -18.17 33.45 8.68
N VAL D 145 -17.61 33.84 9.81
CA VAL D 145 -16.58 33.04 10.49
C VAL D 145 -17.02 32.49 11.85
N ASP D 146 -17.02 31.17 11.98
CA ASP D 146 -17.32 30.57 13.27
C ASP D 146 -16.07 29.89 13.86
N VAL D 147 -15.85 30.15 15.14
CA VAL D 147 -14.67 29.62 15.85
C VAL D 147 -15.10 28.87 17.11
N GLU D 148 -14.60 27.65 17.27
CA GLU D 148 -14.80 26.97 18.54
C GLU D 148 -13.45 26.54 19.10
N GLY D 149 -13.35 26.50 20.43
CA GLY D 149 -12.09 26.23 21.13
C GLY D 149 -12.14 24.98 22.00
N TYR D 150 -11.03 24.66 22.66
CA TYR D 150 -10.94 23.41 23.41
C TYR D 150 -10.12 23.52 24.69
N MET D 151 -10.57 22.85 25.74
CA MET D 151 -9.72 22.67 26.93
C MET D 151 -8.65 21.63 26.63
N LEU D 152 -7.48 21.77 27.27
CA LEU D 152 -6.40 20.79 27.14
C LEU D 152 -6.84 19.40 27.59
N ASP D 153 -7.54 19.33 28.70
CA ASP D 153 -7.98 18.04 29.21
C ASP D 153 -9.15 18.20 30.15
N GLU D 154 -10.29 17.70 29.72
CA GLU D 154 -11.53 17.86 30.47
C GLU D 154 -11.48 17.16 31.85
N LYS D 155 -10.53 16.25 32.07
CA LYS D 155 -10.37 15.69 33.41
C LYS D 155 -9.49 16.57 34.28
N PHE D 156 -8.80 17.53 33.66
CA PHE D 156 -7.97 18.48 34.39
C PHE D 156 -8.21 19.94 33.96
N PRO D 157 -9.40 20.47 34.26
CA PRO D 157 -9.75 21.84 33.84
C PRO D 157 -8.79 22.90 34.38
N GLU D 158 -8.08 22.58 35.45
CA GLU D 158 -7.06 23.45 36.00
C GLU D 158 -5.87 23.69 35.06
N TRP D 159 -5.63 22.77 34.12
CA TRP D 159 -4.55 22.98 33.16
C TRP D 159 -4.91 24.08 32.16
N GLY D 160 -6.19 24.45 32.12
CA GLY D 160 -6.64 25.53 31.26
C GLY D 160 -6.94 25.15 29.81
N LYS D 161 -7.13 26.15 28.98
CA LYS D 161 -7.57 25.92 27.61
C LYS D 161 -6.41 25.78 26.62
N SER D 162 -6.63 25.02 25.56
CA SER D 162 -5.64 24.88 24.50
C SER D 162 -5.57 26.13 23.61
N ARG D 163 -4.56 26.18 22.75
CA ARG D 163 -4.49 27.24 21.76
C ARG D 163 -5.01 26.76 20.39
N TYR D 164 -5.85 25.74 20.40
CA TYR D 164 -6.42 25.18 19.17
C TYR D 164 -7.82 25.69 18.90
N TYR D 165 -8.08 25.97 17.63
CA TYR D 165 -9.40 26.46 17.21
C TYR D 165 -9.85 25.76 15.94
N THR D 166 -11.10 25.34 15.93
CA THR D 166 -11.67 24.79 14.73
C THR D 166 -12.53 25.88 14.10
N VAL D 167 -12.17 26.25 12.88
CA VAL D 167 -12.77 27.41 12.20
C VAL D 167 -13.73 27.03 11.07
N SER D 168 -14.91 27.63 11.09
CA SER D 168 -15.88 27.46 10.01
C SER D 168 -16.01 28.73 9.17
N LEU D 169 -15.90 28.57 7.86
CA LEU D 169 -16.07 29.69 6.94
C LEU D 169 -17.25 29.42 6.02
N GLU D 170 -18.00 30.48 5.73
CA GLU D 170 -19.18 30.36 4.89
C GLU D 170 -19.29 31.66 4.11
N GLY D 171 -19.50 31.55 2.81
CA GLY D 171 -19.64 32.74 1.99
C GLY D 171 -19.89 32.46 0.54
N GLU D 172 -20.11 33.54 -0.21
CA GLU D 172 -20.26 33.47 -1.65
C GLU D 172 -18.96 33.94 -2.24
N VAL D 173 -18.22 33.02 -2.86
CA VAL D 173 -16.85 33.29 -3.24
C VAL D 173 -16.50 32.35 -4.39
N ARG D 174 -15.53 32.74 -5.22
CA ARG D 174 -15.07 31.81 -6.25
C ARG D 174 -14.26 30.69 -5.59
N VAL D 175 -14.35 29.49 -6.15
CA VAL D 175 -13.60 28.33 -5.65
C VAL D 175 -12.09 28.64 -5.50
N ARG D 176 -11.54 29.30 -6.50
CA ARG D 176 -10.11 29.59 -6.54
C ARG D 176 -9.73 30.56 -5.45
N ASP D 177 -10.66 31.44 -5.08
CA ASP D 177 -10.40 32.41 -4.02
C ASP D 177 -10.45 31.74 -2.65
N LEU D 178 -11.39 30.83 -2.48
CA LEU D 178 -11.53 30.12 -1.22
C LEU D 178 -10.25 29.31 -0.97
N LEU D 179 -9.79 28.61 -2.00
CA LEU D 179 -8.57 27.83 -1.90
C LEU D 179 -7.36 28.73 -1.63
N ASN D 180 -7.22 29.80 -2.40
CA ASN D 180 -6.07 30.69 -2.23
C ASN D 180 -6.04 31.30 -0.84
N HIS D 181 -7.19 31.75 -0.35
CA HIS D 181 -7.29 32.38 0.97
C HIS D 181 -6.79 31.48 2.09
N ILE D 182 -7.20 30.21 2.04
CA ILE D 182 -6.85 29.26 3.06
C ILE D 182 -5.38 28.87 2.90
N TYR D 183 -4.95 28.75 1.66
CA TYR D 183 -3.59 28.36 1.35
C TYR D 183 -2.60 29.35 1.92
N VAL D 184 -2.91 30.62 1.76
CA VAL D 184 -2.00 31.68 2.18
C VAL D 184 -2.17 32.05 3.65
N LEU D 185 -3.38 31.95 4.18
CA LEU D 185 -3.64 32.43 5.53
C LEU D 185 -3.29 31.45 6.65
N ILE D 186 -3.43 30.15 6.38
CA ILE D 186 -3.06 29.13 7.37
C ILE D 186 -1.63 29.26 7.92
N PRO D 187 -0.62 29.46 7.04
CA PRO D 187 0.75 29.58 7.59
C PRO D 187 0.98 30.86 8.42
N VAL D 188 0.16 31.89 8.24
CA VAL D 188 0.26 33.09 9.07
C VAL D 188 0.16 32.76 10.55
N LEU D 189 -0.64 31.73 10.86
CA LEU D 189 -0.87 31.27 12.25
C LEU D 189 0.20 30.29 12.74
N ASP D 190 0.96 29.71 11.79
CA ASP D 190 1.96 28.69 12.13
C ASP D 190 3.27 29.29 12.61
N SER D 191 3.37 29.54 13.91
CA SER D 191 4.58 30.14 14.49
C SER D 191 5.84 29.27 14.37
N GLU D 192 5.68 27.98 14.12
CA GLU D 192 6.84 27.11 13.96
C GLU D 192 7.06 26.55 12.57
N LYS D 193 6.65 27.28 11.54
CA LYS D 193 6.81 26.81 10.16
C LYS D 193 8.26 26.80 9.68
N HIS D 194 9.01 27.84 10.04
CA HIS D 194 10.39 27.99 9.59
C HIS D 194 11.26 26.90 10.22
N TYR D 195 10.68 26.20 11.18
CA TYR D 195 11.32 25.06 11.81
C TYR D 195 11.09 23.78 11.01
N TRP D 196 9.86 23.53 10.57
CA TRP D 196 9.53 22.24 9.96
C TRP D 196 9.72 22.15 8.44
N VAL D 197 10.07 23.27 7.81
CA VAL D 197 10.37 23.27 6.37
C VAL D 197 11.47 24.26 5.97
N GLY D 198 11.30 25.53 6.35
CA GLY D 198 12.35 26.53 6.19
C GLY D 198 12.66 27.06 4.80
N GLU D 199 12.29 28.31 4.55
CA GLU D 199 12.78 29.11 3.41
C GLU D 199 12.29 28.74 2.01
N ASP D 200 12.62 27.54 1.55
CA ASP D 200 12.29 27.13 0.19
C ASP D 200 10.79 27.17 -0.10
N GLU D 201 10.03 26.41 0.68
CA GLU D 201 8.59 26.32 0.49
C GLU D 201 7.85 27.53 1.04
N ILE D 202 8.40 28.15 2.09
CA ILE D 202 7.77 29.32 2.72
C ILE D 202 7.68 30.48 1.74
N ASP D 203 8.75 30.68 0.96
CA ASP D 203 8.75 31.70 -0.08
C ASP D 203 7.71 31.36 -1.14
N LYS D 204 7.68 30.09 -1.55
CA LYS D 204 6.72 29.61 -2.54
C LYS D 204 5.27 29.97 -2.18
N LEU D 205 4.90 29.76 -0.92
CA LEU D 205 3.54 30.05 -0.48
C LEU D 205 3.36 31.44 0.14
N PHE D 206 4.11 32.42 -0.35
CA PHE D 206 3.82 33.82 -0.05
C PHE D 206 3.65 34.57 -1.35
N GLN D 207 4.20 33.99 -2.42
CA GLN D 207 4.06 34.54 -3.76
C GLN D 207 2.60 34.53 -4.17
N HIS D 208 1.82 33.61 -3.59
CA HIS D 208 0.43 33.41 -3.99
C HIS D 208 -0.53 34.51 -3.55
N GLY D 209 -0.04 35.45 -2.73
CA GLY D 209 -0.85 36.54 -2.24
C GLY D 209 -0.98 37.67 -3.23
N GLU D 210 -0.09 37.69 -4.22
CA GLU D 210 0.02 38.70 -5.27
C GLU D 210 -1.23 39.46 -5.75
N GLY D 211 -2.17 39.74 -4.87
CA GLY D 211 -3.41 40.37 -5.32
C GLY D 211 -4.18 40.92 -4.15
N TRP D 212 -5.12 40.12 -3.65
CA TRP D 212 -5.97 40.49 -2.54
C TRP D 212 -5.16 40.84 -1.30
N LEU D 213 -3.94 40.30 -1.25
CA LEU D 213 -3.09 40.45 -0.09
C LEU D 213 -2.59 41.88 0.03
N VAL D 214 -2.31 42.50 -1.09
CA VAL D 214 -1.85 43.87 -1.11
C VAL D 214 -2.97 44.80 -0.66
N ASP D 215 -4.20 44.31 -0.76
CA ASP D 215 -5.37 45.06 -0.35
C ASP D 215 -5.95 44.61 0.99
N HIS D 216 -5.42 43.52 1.55
CA HIS D 216 -5.87 43.06 2.86
C HIS D 216 -5.49 44.06 3.94
N PRO D 217 -6.46 44.47 4.76
CA PRO D 217 -6.25 45.41 5.88
C PRO D 217 -5.18 44.97 6.87
N GLU D 218 -4.86 43.66 6.89
CA GLU D 218 -3.86 43.11 7.80
C GLU D 218 -2.55 42.76 7.10
N LYS D 219 -2.28 43.44 5.99
CA LYS D 219 -1.06 43.23 5.21
C LYS D 219 0.22 43.23 6.08
N GLU D 220 0.35 44.19 6.99
CA GLU D 220 1.48 44.25 7.91
C GLU D 220 1.62 42.98 8.74
N LEU D 221 0.55 42.64 9.45
CA LEU D 221 0.51 41.44 10.29
C LEU D 221 0.90 40.20 9.48
N ILE D 222 0.29 40.05 8.31
CA ILE D 222 0.55 38.90 7.44
C ILE D 222 2.00 38.87 6.93
N THR D 223 2.51 40.00 6.48
CA THR D 223 3.88 40.05 5.97
C THR D 223 4.89 39.84 7.11
N GLY D 224 4.55 40.33 8.30
CA GLY D 224 5.35 40.12 9.49
C GLY D 224 5.54 38.66 9.90
N ARG D 225 4.44 37.93 10.05
CA ARG D 225 4.49 36.51 10.43
C ARG D 225 5.27 35.62 9.44
N TYR D 226 5.55 36.13 8.25
CA TYR D 226 6.32 35.38 7.26
C TYR D 226 7.83 35.64 7.38
MG MG E . -1.70 -20.82 -20.23
P AMP F . -3.02 -19.83 -16.91
O1P AMP F . -3.46 -18.40 -16.90
O2P AMP F . -3.03 -20.58 -18.19
O5' AMP F . -3.84 -20.66 -15.80
C5' AMP F . -3.28 -21.80 -15.12
C4' AMP F . -2.54 -22.71 -16.07
O4' AMP F . -1.14 -22.39 -16.04
C3' AMP F . -2.57 -24.19 -15.72
O3' AMP F . -3.72 -24.86 -16.23
C2' AMP F . -1.25 -24.74 -16.27
O2' AMP F . -1.45 -25.33 -17.54
C1' AMP F . -0.39 -23.49 -16.45
N9 AMP F . 0.85 -23.54 -15.65
C8 AMP F . 2.04 -23.07 -16.08
N7 AMP F . 3.03 -23.24 -15.16
C5 AMP F . 2.46 -23.87 -14.09
C6 AMP F . 2.93 -24.34 -12.77
N6 AMP F . 4.22 -24.18 -12.39
N1 AMP F . 2.04 -24.94 -11.95
C2 AMP F . 0.76 -25.09 -12.31
N3 AMP F . 0.25 -24.67 -13.50
C4 AMP F . 1.03 -24.06 -14.42
MG MG G . 10.51 9.26 35.45
P AMP H . 13.03 6.75 34.07
O1P AMP H . 12.79 6.46 32.60
O2P AMP H . 12.47 7.98 34.65
O5' AMP H . 14.60 6.65 34.40
C5' AMP H . 15.09 6.30 35.69
C4' AMP H . 14.44 7.10 36.79
O4' AMP H . 13.37 6.33 37.37
C3' AMP H . 15.32 7.42 37.99
O3' AMP H . 16.12 8.58 37.79
C2' AMP H . 14.34 7.54 39.16
O2' AMP H . 13.96 8.89 39.37
C1' AMP H . 13.11 6.78 38.67
N9 AMP H . 12.80 5.61 39.53
C8 AMP H . 11.55 5.26 39.88
N7 AMP H . 11.52 4.17 40.68
C5 AMP H . 12.81 3.81 40.88
C6 AMP H . 13.49 2.73 41.63
N6 AMP H . 12.79 1.82 42.33
N1 AMP H . 14.84 2.69 41.60
C2 AMP H . 15.54 3.59 40.89
N3 AMP H . 14.99 4.58 40.18
C4 AMP H . 13.65 4.76 40.14
#